data_3D3K
#
_entry.id   3D3K
#
_cell.length_a   94.377
_cell.length_b   169.204
_cell.length_c   163.609
_cell.angle_alpha   90.00
_cell.angle_beta   90.00
_cell.angle_gamma   90.00
#
_symmetry.space_group_name_H-M   'C 2 2 21'
#
loop_
_entity.id
_entity.type
_entity.pdbx_description
1 polymer 'Enhancer of mRNA-decapping protein 3'
2 water water
#
_entity_poly.entity_id   1
_entity_poly.type   'polypeptide(L)'
_entity_poly.pdbx_seq_one_letter_code
;ILESEPIVYRRIIVPHNVSKEFCTDSGLVVPSISYELHKKLLSVAEKHGLTLERRLEMTGVCASQMALTLLGGPNRLNPK
NVHQRPTVALLCGPHVKGAQGISCGRHLANHDVQVILFLPNFVKMLESITNELSLFSKTQGQQVSSLKDLPTSPVDLVIN
CLDCPENVFLRDQPWYKAAVAWANQNRAPVLSIDPPVHEVEQGIDAKWSLALGLPLPLGEHAGRIYLCDIGIPQQVFQEV
GINYHSPFGCKFVIPLHSA
;
_entity_poly.pdbx_strand_id   A,B,C,D
#
# COMPACT_ATOMS: atom_id res chain seq x y z
N TYR A 9 33.40 8.97 -11.09
CA TYR A 9 33.54 7.80 -12.01
C TYR A 9 32.23 7.02 -12.22
N ARG A 10 32.30 5.95 -13.01
CA ARG A 10 31.13 5.18 -13.45
C ARG A 10 30.86 3.95 -12.59
N ARG A 11 29.89 4.07 -11.69
CA ARG A 11 29.51 2.96 -10.83
C ARG A 11 28.15 2.38 -11.22
N ILE A 12 27.43 3.08 -12.09
CA ILE A 12 26.16 2.59 -12.63
C ILE A 12 26.32 2.26 -14.11
N ILE A 13 26.25 0.97 -14.42
CA ILE A 13 26.39 0.47 -15.79
C ILE A 13 25.08 -0.14 -16.27
N VAL A 14 24.54 0.41 -17.35
CA VAL A 14 23.32 -0.13 -17.98
C VAL A 14 23.68 -1.01 -19.17
N PRO A 15 22.82 -2.01 -19.48
CA PRO A 15 23.07 -2.90 -20.62
C PRO A 15 22.97 -2.21 -21.98
N SER A 19 22.63 7.54 -25.89
CA SER A 19 21.74 7.67 -24.74
C SER A 19 22.38 8.53 -23.65
N LYS A 20 21.70 9.61 -23.28
CA LYS A 20 22.22 10.62 -22.35
C LYS A 20 22.85 10.07 -21.07
N GLU A 21 23.88 10.77 -20.61
CA GLU A 21 24.51 10.49 -19.32
C GLU A 21 24.59 11.76 -18.50
N PHE A 22 24.32 11.65 -17.21
CA PHE A 22 24.41 12.76 -16.28
C PHE A 22 25.51 12.51 -15.25
N CYS A 23 25.85 13.54 -14.47
CA CYS A 23 26.71 13.36 -13.29
C CYS A 23 26.22 14.14 -12.08
N THR A 24 26.62 13.70 -10.90
CA THR A 24 26.23 14.34 -9.64
C THR A 24 27.20 15.45 -9.28
N ASP A 25 26.92 16.15 -8.17
CA ASP A 25 27.80 17.20 -7.63
C ASP A 25 29.20 16.66 -7.34
N SER A 26 29.27 15.39 -6.93
CA SER A 26 30.53 14.74 -6.59
C SER A 26 31.23 14.07 -7.78
N GLY A 27 30.61 14.14 -8.95
CA GLY A 27 31.21 13.58 -10.17
C GLY A 27 30.77 12.17 -10.54
N LEU A 28 29.86 11.59 -9.75
CA LEU A 28 29.36 10.24 -10.03
C LEU A 28 28.48 10.24 -11.28
N VAL A 29 28.76 9.31 -12.19
CA VAL A 29 28.01 9.23 -13.44
C VAL A 29 26.71 8.47 -13.24
N VAL A 30 25.61 9.10 -13.61
CA VAL A 30 24.31 8.43 -13.63
C VAL A 30 23.75 8.45 -15.05
N PRO A 31 23.72 7.27 -15.70
CA PRO A 31 23.27 7.24 -17.08
C PRO A 31 21.75 7.17 -17.14
N SER A 32 21.19 7.59 -18.28
CA SER A 32 19.78 7.42 -18.53
C SER A 32 19.49 5.96 -18.89
N ILE A 33 18.26 5.53 -18.62
CA ILE A 33 17.76 4.26 -19.12
C ILE A 33 16.56 4.53 -20.01
N SER A 34 16.20 3.55 -20.83
CA SER A 34 15.04 3.67 -21.72
C SER A 34 13.74 3.58 -20.90
N TYR A 35 12.65 4.02 -21.52
CA TYR A 35 11.32 3.90 -20.91
C TYR A 35 11.01 2.45 -20.55
N GLU A 36 11.33 1.53 -21.45
CA GLU A 36 11.07 0.10 -21.28
C GLU A 36 11.85 -0.54 -20.14
N LEU A 37 13.13 -0.17 -20.02
CA LEU A 37 13.95 -0.66 -18.92
C LEU A 37 13.49 -0.08 -17.58
N HIS A 38 13.08 1.20 -17.58
CA HIS A 38 12.49 1.83 -16.40
C HIS A 38 11.19 1.13 -15.96
N LYS A 39 10.35 0.80 -16.94
CA LYS A 39 9.13 0.04 -16.70
C LYS A 39 9.44 -1.36 -16.15
N LYS A 40 10.45 -2.03 -16.71
CA LYS A 40 10.85 -3.36 -16.26
C LYS A 40 11.40 -3.33 -14.84
N LEU A 41 12.26 -2.35 -14.57
CA LEU A 41 12.83 -2.11 -13.24
C LEU A 41 11.75 -2.00 -12.17
N LEU A 42 10.76 -1.13 -12.42
CA LEU A 42 9.65 -0.90 -11.49
C LEU A 42 8.74 -2.11 -11.30
N SER A 43 8.58 -2.90 -12.36
CA SER A 43 7.78 -4.12 -12.29
C SER A 43 8.44 -5.13 -11.35
N VAL A 44 9.76 -5.29 -11.49
CA VAL A 44 10.53 -6.17 -10.62
C VAL A 44 10.51 -5.66 -9.17
N ALA A 45 10.63 -4.34 -9.00
CA ALA A 45 10.53 -3.71 -7.68
C ALA A 45 9.18 -4.02 -7.03
N GLU A 46 8.12 -3.91 -7.81
CA GLU A 46 6.77 -4.23 -7.38
C GLU A 46 6.60 -5.71 -6.98
N LYS A 47 7.15 -6.62 -7.79
CA LYS A 47 7.15 -8.06 -7.49
C LYS A 47 7.73 -8.36 -6.10
N HIS A 48 8.77 -7.63 -5.75
CA HIS A 48 9.44 -7.84 -4.47
C HIS A 48 8.85 -7.04 -3.30
N GLY A 49 7.75 -6.33 -3.55
CA GLY A 49 6.96 -5.71 -2.48
C GLY A 49 6.92 -4.19 -2.45
N LEU A 50 7.63 -3.55 -3.37
CA LEU A 50 7.60 -2.10 -3.49
C LEU A 50 6.39 -1.70 -4.34
N THR A 51 5.23 -1.67 -3.69
CA THR A 51 3.97 -1.46 -4.38
C THR A 51 3.84 -0.02 -4.84
N LEU A 52 2.97 0.18 -5.81
CA LEU A 52 2.63 1.52 -6.29
C LEU A 52 2.27 2.47 -5.14
N GLU A 53 1.40 2.02 -4.23
CA GLU A 53 0.95 2.85 -3.10
C GLU A 53 2.13 3.33 -2.25
N ARG A 54 3.10 2.43 -2.00
CA ARG A 54 4.32 2.77 -1.26
C ARG A 54 5.10 3.86 -2.00
N ARG A 55 5.32 3.64 -3.29
CA ARG A 55 6.07 4.56 -4.15
C ARG A 55 5.38 5.92 -4.31
N LEU A 56 4.05 5.91 -4.44
CA LEU A 56 3.27 7.14 -4.49
C LEU A 56 3.45 7.96 -3.22
N GLU A 57 3.45 7.27 -2.09
CA GLU A 57 3.64 7.93 -0.81
C GLU A 57 5.04 8.54 -0.70
N MET A 58 6.06 7.76 -1.04
CA MET A 58 7.48 8.21 -0.94
C MET A 58 7.80 9.31 -1.93
N THR A 59 7.23 9.19 -3.12
CA THR A 59 7.44 10.17 -4.19
C THR A 59 6.83 11.52 -3.77
N GLY A 60 5.68 11.48 -3.13
CA GLY A 60 5.03 12.69 -2.65
C GLY A 60 5.81 13.38 -1.55
N VAL A 61 6.34 12.60 -0.61
CA VAL A 61 7.17 13.12 0.47
C VAL A 61 8.44 13.76 -0.08
N CYS A 62 9.16 13.01 -0.90
CA CYS A 62 10.44 13.46 -1.44
C CYS A 62 10.28 14.59 -2.46
N ALA A 63 9.21 14.55 -3.26
CA ALA A 63 8.94 15.67 -4.17
C ALA A 63 8.55 16.94 -3.41
N SER A 64 7.77 16.79 -2.35
CA SER A 64 7.31 17.94 -1.56
C SER A 64 8.46 18.57 -0.81
N GLN A 65 9.41 17.73 -0.37
CA GLN A 65 10.65 18.22 0.25
C GLN A 65 11.45 19.05 -0.74
N MET A 66 11.55 18.58 -1.98
CA MET A 66 12.20 19.36 -3.03
C MET A 66 11.48 20.68 -3.23
N ALA A 67 10.15 20.65 -3.37
CA ALA A 67 9.37 21.86 -3.64
C ALA A 67 9.41 22.86 -2.48
N LEU A 68 9.49 22.36 -1.24
CA LEU A 68 9.63 23.24 -0.09
C LEU A 68 10.97 23.99 -0.11
N THR A 69 12.02 23.31 -0.57
CA THR A 69 13.32 23.94 -0.81
C THR A 69 13.23 25.02 -1.90
N LEU A 70 12.48 24.74 -2.96
CA LEU A 70 12.31 25.71 -4.05
C LEU A 70 11.53 26.93 -3.59
N LEU A 71 10.62 26.72 -2.64
CA LEU A 71 9.82 27.78 -2.06
C LEU A 71 10.57 28.60 -1.00
N GLY A 72 11.85 28.28 -0.80
CA GLY A 72 12.70 29.02 0.14
C GLY A 72 12.89 28.26 1.45
N GLY A 73 11.79 27.75 2.00
CA GLY A 73 11.79 26.99 3.25
C GLY A 73 12.33 27.74 4.43
N PRO A 74 11.52 28.66 5.02
CA PRO A 74 11.98 29.52 6.12
C PRO A 74 12.38 28.74 7.38
N GLN A 84 2.76 35.92 4.33
CA GLN A 84 1.72 35.02 3.82
C GLN A 84 2.31 33.69 3.34
N ARG A 85 1.47 32.66 3.32
CA ARG A 85 1.88 31.34 2.84
C ARG A 85 2.16 31.37 1.34
N PRO A 86 3.17 30.61 0.89
CA PRO A 86 3.40 30.45 -0.56
C PRO A 86 2.27 29.66 -1.21
N THR A 87 2.06 29.91 -2.50
CA THR A 87 0.98 29.27 -3.26
C THR A 87 1.55 28.35 -4.35
N VAL A 88 1.00 27.15 -4.46
CA VAL A 88 1.39 26.20 -5.48
C VAL A 88 0.19 25.76 -6.33
N ALA A 89 0.29 25.97 -7.65
CA ALA A 89 -0.68 25.45 -8.59
C ALA A 89 -0.19 24.10 -9.10
N LEU A 90 -0.98 23.04 -8.85
CA LEU A 90 -0.64 21.68 -9.24
C LEU A 90 -1.50 21.27 -10.44
N LEU A 91 -0.84 20.88 -11.53
CA LEU A 91 -1.56 20.52 -12.74
C LEU A 91 -1.41 19.04 -12.98
N CYS A 92 -2.50 18.32 -12.77
CA CYS A 92 -2.46 16.85 -12.83
C CYS A 92 -3.34 16.27 -13.93
N GLY A 93 -2.81 15.27 -14.60
CA GLY A 93 -3.60 14.47 -15.55
C GLY A 93 -4.23 13.25 -14.89
N PRO A 94 -5.28 12.70 -15.52
CA PRO A 94 -6.01 11.53 -15.03
C PRO A 94 -5.25 10.23 -15.28
N HIS A 95 -4.12 10.09 -14.60
CA HIS A 95 -3.22 8.94 -14.77
C HIS A 95 -2.33 8.83 -13.54
N VAL A 96 -1.44 7.85 -13.52
CA VAL A 96 -0.58 7.61 -12.35
C VAL A 96 0.41 8.75 -12.08
N LYS A 97 0.84 9.42 -13.15
CA LYS A 97 1.72 10.58 -13.06
C LYS A 97 1.01 11.74 -12.36
N GLY A 98 -0.27 11.91 -12.65
CA GLY A 98 -1.12 12.87 -11.96
C GLY A 98 -1.38 12.49 -10.53
N ALA A 99 -1.48 11.20 -10.24
CA ALA A 99 -1.59 10.72 -8.85
C ALA A 99 -0.35 11.06 -8.00
N GLN A 100 0.83 10.97 -8.61
CA GLN A 100 2.08 11.38 -7.98
C GLN A 100 2.04 12.88 -7.62
N GLY A 101 1.48 13.67 -8.51
CA GLY A 101 1.22 15.08 -8.23
C GLY A 101 0.31 15.34 -7.03
N ILE A 102 -0.75 14.55 -6.90
CA ILE A 102 -1.73 14.74 -5.83
C ILE A 102 -1.11 14.37 -4.46
N SER A 103 -0.30 13.32 -4.45
CA SER A 103 0.47 12.95 -3.28
C SER A 103 1.38 14.10 -2.84
N CYS A 104 2.12 14.64 -3.81
CA CYS A 104 3.00 15.77 -3.54
C CYS A 104 2.20 16.96 -2.99
N GLY A 105 1.07 17.24 -3.62
CA GLY A 105 0.15 18.28 -3.17
C GLY A 105 -0.40 18.10 -1.77
N ARG A 106 -0.73 16.87 -1.38
CA ARG A 106 -1.23 16.61 -0.02
C ARG A 106 -0.13 16.84 1.02
N HIS A 107 1.09 16.41 0.72
CA HIS A 107 2.21 16.60 1.64
C HIS A 107 2.58 18.08 1.77
N LEU A 108 2.50 18.83 0.67
CA LEU A 108 2.69 20.29 0.71
C LEU A 108 1.61 20.99 1.53
N ALA A 109 0.35 20.60 1.33
CA ALA A 109 -0.78 21.15 2.11
C ALA A 109 -0.65 20.81 3.59
N ASN A 110 -0.16 19.61 3.90
CA ASN A 110 0.14 19.22 5.29
C ASN A 110 1.17 20.16 5.94
N HIS A 111 2.03 20.75 5.12
CA HIS A 111 3.05 21.67 5.61
C HIS A 111 2.72 23.14 5.35
N ASP A 112 1.43 23.46 5.43
CA ASP A 112 0.89 24.82 5.39
C ASP A 112 1.11 25.61 4.09
N VAL A 113 1.44 24.92 3.00
CA VAL A 113 1.49 25.53 1.67
C VAL A 113 0.05 25.66 1.16
N GLN A 114 -0.27 26.79 0.54
CA GLN A 114 -1.55 26.98 -0.12
C GLN A 114 -1.53 26.20 -1.43
N VAL A 115 -2.23 25.06 -1.48
CA VAL A 115 -2.21 24.22 -2.67
C VAL A 115 -3.53 24.28 -3.44
N ILE A 116 -3.43 24.60 -4.72
CA ILE A 116 -4.57 24.51 -5.61
C ILE A 116 -4.28 23.45 -6.66
N LEU A 117 -5.04 22.37 -6.62
CA LEU A 117 -4.87 21.25 -7.53
C LEU A 117 -5.88 21.28 -8.67
N PHE A 118 -5.35 21.39 -9.89
CA PHE A 118 -6.15 21.22 -11.09
C PHE A 118 -6.10 19.78 -11.57
N LEU A 119 -7.29 19.25 -11.87
CA LEU A 119 -7.43 17.94 -12.44
C LEU A 119 -8.71 17.98 -13.26
N PRO A 120 -8.62 17.69 -14.56
CA PRO A 120 -9.81 17.72 -15.39
C PRO A 120 -10.74 16.58 -15.01
N ASN A 121 -12.01 16.72 -15.38
CA ASN A 121 -12.98 15.67 -15.19
C ASN A 121 -12.85 14.55 -16.22
N PHE A 122 -13.18 13.34 -15.78
CA PHE A 122 -13.15 12.15 -16.61
C PHE A 122 -14.09 11.10 -16.02
N VAL A 123 -14.29 10.02 -16.77
CA VAL A 123 -15.32 9.04 -16.42
C VAL A 123 -14.74 7.71 -15.91
N LYS A 124 -13.58 7.34 -16.45
CA LYS A 124 -12.95 6.08 -16.09
C LYS A 124 -12.03 6.30 -14.90
N MET A 125 -12.54 5.96 -13.72
CA MET A 125 -11.83 6.18 -12.46
C MET A 125 -10.57 5.33 -12.36
N LEU A 126 -9.55 5.88 -11.71
CA LEU A 126 -8.29 5.20 -11.52
C LEU A 126 -8.00 5.11 -10.03
N GLU A 127 -7.78 3.88 -9.55
CA GLU A 127 -7.52 3.59 -8.14
C GLU A 127 -6.55 4.56 -7.45
N SER A 128 -5.38 4.78 -8.06
CA SER A 128 -4.36 5.66 -7.48
C SER A 128 -4.87 7.09 -7.34
N ILE A 129 -5.54 7.59 -8.38
CA ILE A 129 -6.19 8.91 -8.33
C ILE A 129 -7.23 8.96 -7.19
N THR A 130 -8.15 8.00 -7.18
CA THR A 130 -9.17 7.91 -6.13
C THR A 130 -8.56 7.94 -4.72
N ASN A 131 -7.53 7.13 -4.50
CA ASN A 131 -6.86 7.07 -3.21
C ASN A 131 -6.19 8.41 -2.83
N GLU A 132 -5.41 8.98 -3.75
CA GLU A 132 -4.73 10.25 -3.46
C GLU A 132 -5.71 11.42 -3.23
N LEU A 133 -6.77 11.47 -4.03
CA LEU A 133 -7.80 12.50 -3.88
C LEU A 133 -8.53 12.41 -2.54
N SER A 134 -8.76 11.18 -2.08
CA SER A 134 -9.44 10.93 -0.81
C SER A 134 -8.66 11.56 0.34
N LEU A 135 -7.33 11.43 0.30
CA LEU A 135 -6.46 12.01 1.33
C LEU A 135 -6.31 13.52 1.13
N PHE A 136 -6.11 13.94 -0.12
CA PHE A 136 -6.06 15.35 -0.44
C PHE A 136 -7.32 16.10 0.00
N SER A 137 -8.48 15.47 -0.11
CA SER A 137 -9.76 16.05 0.30
C SER A 137 -9.83 16.41 1.77
N LYS A 138 -9.01 15.72 2.59
CA LYS A 138 -8.99 15.96 4.03
C LYS A 138 -7.94 17.00 4.41
N THR A 139 -7.25 17.56 3.42
CA THR A 139 -6.33 18.67 3.67
C THR A 139 -7.06 19.99 3.47
N GLN A 140 -6.34 21.10 3.64
CA GLN A 140 -6.87 22.44 3.34
C GLN A 140 -6.65 22.83 1.89
N GLY A 141 -6.11 21.91 1.09
CA GLY A 141 -5.96 22.11 -0.36
C GLY A 141 -7.28 22.26 -1.12
N GLN A 142 -7.20 22.89 -2.28
CA GLN A 142 -8.35 23.14 -3.13
C GLN A 142 -8.23 22.28 -4.39
N GLN A 143 -9.24 21.47 -4.66
CA GLN A 143 -9.29 20.71 -5.90
C GLN A 143 -10.23 21.41 -6.89
N VAL A 144 -9.74 21.66 -8.10
CA VAL A 144 -10.50 22.34 -9.14
C VAL A 144 -10.45 21.54 -10.46
N SER A 145 -11.48 21.67 -11.29
CA SER A 145 -11.51 21.01 -12.60
C SER A 145 -11.46 22.03 -13.74
N SER A 146 -11.55 23.31 -13.37
CA SER A 146 -11.51 24.42 -14.30
C SER A 146 -10.22 25.21 -14.08
N LEU A 147 -9.55 25.54 -15.18
CA LEU A 147 -8.33 26.33 -15.14
C LEU A 147 -8.59 27.77 -14.72
N LYS A 148 -9.84 28.23 -14.90
CA LYS A 148 -10.28 29.57 -14.47
C LYS A 148 -10.31 29.73 -12.95
N ASP A 149 -10.34 28.63 -12.23
CA ASP A 149 -10.33 28.66 -10.77
C ASP A 149 -8.93 28.83 -10.18
N LEU A 150 -7.92 28.69 -11.03
CA LEU A 150 -6.52 28.89 -10.65
C LEU A 150 -6.22 30.39 -10.57
N PRO A 151 -5.24 30.79 -9.73
CA PRO A 151 -4.87 32.20 -9.60
C PRO A 151 -4.61 32.91 -10.94
N THR A 152 -4.92 34.20 -10.98
CA THR A 152 -4.67 35.03 -12.16
C THR A 152 -3.23 35.54 -12.13
N SER A 153 -2.78 35.93 -10.95
CA SER A 153 -1.44 36.45 -10.75
C SER A 153 -0.48 35.25 -10.64
N PRO A 154 0.82 35.47 -10.92
CA PRO A 154 1.76 34.36 -10.88
C PRO A 154 1.82 33.72 -9.50
N VAL A 155 1.80 32.39 -9.45
CA VAL A 155 1.96 31.69 -8.17
C VAL A 155 3.47 31.65 -7.82
N ASP A 156 3.79 30.97 -6.73
CA ASP A 156 5.20 30.81 -6.35
C ASP A 156 5.82 29.65 -7.11
N LEU A 157 5.03 28.62 -7.35
CA LEU A 157 5.49 27.42 -8.03
C LEU A 157 4.35 26.72 -8.77
N VAL A 158 4.60 26.34 -10.01
CA VAL A 158 3.72 25.44 -10.73
C VAL A 158 4.32 24.04 -10.70
N ILE A 159 3.52 23.06 -10.30
CA ILE A 159 3.93 21.67 -10.41
C ILE A 159 3.16 20.98 -11.53
N ASN A 160 3.91 20.47 -12.50
CA ASN A 160 3.37 19.88 -13.70
C ASN A 160 3.44 18.36 -13.71
N CYS A 161 2.28 17.72 -13.67
CA CYS A 161 2.16 16.27 -13.80
C CYS A 161 1.03 15.98 -14.80
N LEU A 162 1.00 16.75 -15.88
CA LEU A 162 -0.09 16.68 -16.85
C LEU A 162 0.00 15.50 -17.81
N ASP A 163 1.23 15.14 -18.19
CA ASP A 163 1.44 14.14 -19.23
C ASP A 163 1.87 12.79 -18.67
N CYS A 164 1.46 11.72 -19.36
CA CYS A 164 1.82 10.34 -19.02
C CYS A 164 2.29 9.62 -20.31
N PRO A 165 3.34 8.78 -20.19
CA PRO A 165 3.92 8.08 -21.34
C PRO A 165 2.98 7.11 -22.07
N GLU A 166 1.97 6.59 -21.36
CA GLU A 166 1.07 5.59 -21.95
C GLU A 166 -0.06 6.18 -22.79
N ASN A 167 -0.30 7.48 -22.65
CA ASN A 167 -1.35 8.19 -23.37
C ASN A 167 -0.77 9.01 -24.53
N VAL A 168 -0.59 8.37 -25.68
CA VAL A 168 0.01 9.02 -26.87
C VAL A 168 -0.89 10.10 -27.51
N PHE A 169 -2.20 9.99 -27.30
CA PHE A 169 -3.12 10.99 -27.83
C PHE A 169 -3.49 12.07 -26.80
N LEU A 170 -2.84 12.06 -25.65
CA LEU A 170 -3.09 13.02 -24.58
C LEU A 170 -2.72 14.46 -24.96
N ARG A 171 -1.59 14.59 -25.64
CA ARG A 171 -1.05 15.90 -26.06
C ARG A 171 -1.91 16.60 -27.14
N ASP A 172 -2.79 15.84 -27.79
CA ASP A 172 -3.71 16.40 -28.80
C ASP A 172 -5.02 16.94 -28.20
N GLN A 173 -5.29 16.59 -26.94
CA GLN A 173 -6.55 16.94 -26.28
C GLN A 173 -6.63 18.42 -25.94
N PRO A 174 -7.74 19.08 -26.30
CA PRO A 174 -7.99 20.47 -25.92
C PRO A 174 -7.73 20.79 -24.44
N TRP A 175 -8.22 19.96 -23.53
CA TRP A 175 -8.02 20.18 -22.09
C TRP A 175 -6.53 20.29 -21.72
N TYR A 176 -5.72 19.45 -22.36
CA TYR A 176 -4.28 19.44 -22.13
C TYR A 176 -3.63 20.70 -22.68
N LYS A 177 -3.99 21.05 -23.91
CA LYS A 177 -3.44 22.23 -24.58
C LYS A 177 -3.74 23.50 -23.78
N ALA A 178 -4.95 23.59 -23.24
CA ALA A 178 -5.37 24.71 -22.38
C ALA A 178 -4.57 24.75 -21.08
N ALA A 179 -4.32 23.58 -20.48
CA ALA A 179 -3.57 23.48 -19.23
C ALA A 179 -2.13 23.98 -19.43
N VAL A 180 -1.51 23.55 -20.53
CA VAL A 180 -0.18 23.98 -20.95
C VAL A 180 -0.13 25.48 -21.23
N ALA A 181 -1.14 25.97 -21.96
CA ALA A 181 -1.29 27.40 -22.20
C ALA A 181 -1.42 28.17 -20.88
N TRP A 182 -2.16 27.62 -19.93
CA TRP A 182 -2.28 28.26 -18.61
C TRP A 182 -0.93 28.38 -17.90
N ALA A 183 -0.14 27.30 -17.91
CA ALA A 183 1.17 27.28 -17.27
C ALA A 183 2.13 28.28 -17.90
N ASN A 184 2.09 28.37 -19.22
CA ASN A 184 2.90 29.34 -19.96
C ASN A 184 2.53 30.79 -19.69
N GLN A 185 1.24 31.07 -19.49
CA GLN A 185 0.77 32.42 -19.24
C GLN A 185 0.88 32.87 -17.77
N ASN A 186 1.02 31.92 -16.85
CA ASN A 186 1.07 32.25 -15.42
C ASN A 186 2.35 32.98 -14.98
N ARG A 187 3.50 32.54 -15.49
CA ARG A 187 4.81 33.17 -15.24
C ARG A 187 5.61 32.60 -14.06
N ALA A 188 4.96 31.78 -13.24
CA ALA A 188 5.65 31.06 -12.17
C ALA A 188 6.58 30.00 -12.78
N PRO A 189 7.69 29.69 -12.08
CA PRO A 189 8.57 28.63 -12.57
C PRO A 189 7.89 27.27 -12.46
N VAL A 190 8.24 26.36 -13.37
CA VAL A 190 7.58 25.07 -13.42
C VAL A 190 8.52 23.95 -12.99
N LEU A 191 8.11 23.23 -11.95
CA LEU A 191 8.68 21.93 -11.63
C LEU A 191 7.84 20.82 -12.29
N SER A 192 8.46 20.04 -13.17
CA SER A 192 7.80 18.87 -13.74
C SER A 192 8.24 17.61 -13.00
N ILE A 193 7.28 16.92 -12.39
CA ILE A 193 7.57 15.66 -11.77
C ILE A 193 7.41 14.56 -12.80
N ASP A 194 8.51 13.85 -13.05
CA ASP A 194 8.49 12.64 -13.88
C ASP A 194 7.87 12.94 -15.26
N PRO A 195 8.48 13.88 -16.02
CA PRO A 195 7.90 14.22 -17.31
C PRO A 195 8.32 13.19 -18.38
N PRO A 196 7.56 13.08 -19.47
CA PRO A 196 7.98 12.27 -20.62
C PRO A 196 9.12 12.90 -21.40
N VAL A 197 9.78 12.10 -22.23
CA VAL A 197 10.98 12.53 -22.97
C VAL A 197 10.68 13.47 -24.14
N HIS A 198 9.72 13.09 -25.00
CA HIS A 198 9.35 13.92 -26.14
C HIS A 198 8.30 14.97 -25.77
N ILE A 204 5.21 22.70 -22.19
CA ILE A 204 5.71 23.43 -21.02
C ILE A 204 7.22 23.25 -20.85
N ASP A 205 7.96 24.35 -20.91
CA ASP A 205 9.38 24.32 -20.56
C ASP A 205 9.60 24.43 -19.05
N ALA A 206 9.93 23.31 -18.43
CA ALA A 206 10.15 23.25 -16.99
C ALA A 206 11.41 24.00 -16.58
N LYS A 207 11.34 24.72 -15.47
CA LYS A 207 12.55 25.23 -14.83
C LYS A 207 13.35 24.05 -14.26
N TRP A 208 12.66 23.16 -13.56
CA TRP A 208 13.26 21.95 -13.03
C TRP A 208 12.41 20.72 -13.36
N SER A 209 13.06 19.57 -13.49
CA SER A 209 12.36 18.29 -13.65
C SER A 209 12.89 17.26 -12.68
N LEU A 210 11.98 16.41 -12.19
CA LEU A 210 12.32 15.40 -11.22
C LEU A 210 12.18 13.98 -11.77
N ALA A 211 13.32 13.35 -12.06
CA ALA A 211 13.38 11.94 -12.45
C ALA A 211 13.25 11.03 -11.22
N LEU A 212 12.76 9.82 -11.45
CA LEU A 212 12.49 8.87 -10.37
C LEU A 212 13.30 7.56 -10.53
N GLY A 213 14.15 7.26 -9.54
CA GLY A 213 14.95 6.03 -9.57
C GLY A 213 16.18 6.16 -10.43
N LEU A 214 15.98 6.16 -11.74
CA LEU A 214 17.00 6.55 -12.71
C LEU A 214 16.34 7.41 -13.79
N PRO A 215 17.11 8.37 -14.37
CA PRO A 215 16.50 9.26 -15.37
C PRO A 215 16.28 8.60 -16.72
N LEU A 216 15.23 9.04 -17.40
CA LEU A 216 15.07 8.80 -18.83
C LEU A 216 15.97 9.80 -19.55
N PRO A 217 16.24 9.61 -20.86
CA PRO A 217 17.06 10.60 -21.56
C PRO A 217 16.35 11.93 -21.78
N LEU A 218 16.10 12.65 -20.69
CA LEU A 218 15.46 13.96 -20.70
C LEU A 218 16.36 15.02 -21.34
N GLY A 219 15.76 15.95 -22.07
CA GLY A 219 16.51 16.97 -22.80
C GLY A 219 16.41 18.38 -22.21
N GLU A 220 16.71 19.39 -23.04
CA GLU A 220 16.80 20.77 -22.55
C GLU A 220 15.47 21.39 -22.11
N HIS A 221 14.35 20.86 -22.61
CA HIS A 221 13.03 21.35 -22.22
C HIS A 221 12.61 20.89 -20.83
N ALA A 222 13.34 19.93 -20.28
CA ALA A 222 13.15 19.49 -18.89
C ALA A 222 13.89 20.40 -17.89
N GLY A 223 14.70 21.32 -18.42
CA GLY A 223 15.43 22.29 -17.59
C GLY A 223 16.43 21.64 -16.66
N ARG A 224 16.49 22.13 -15.43
CA ARG A 224 17.40 21.59 -14.43
C ARG A 224 16.88 20.27 -13.90
N ILE A 225 17.65 19.21 -14.14
CA ILE A 225 17.23 17.84 -13.82
C ILE A 225 17.68 17.40 -12.43
N TYR A 226 16.74 16.83 -11.67
CA TYR A 226 17.05 16.24 -10.37
C TYR A 226 16.62 14.76 -10.36
N LEU A 227 17.22 13.98 -9.48
CA LEU A 227 16.87 12.58 -9.36
C LEU A 227 16.32 12.30 -7.96
N CYS A 228 15.22 11.56 -7.92
CA CYS A 228 14.56 11.20 -6.69
C CYS A 228 14.75 9.73 -6.41
N ASP A 229 15.22 9.42 -5.20
CA ASP A 229 15.21 8.04 -4.70
C ASP A 229 13.76 7.60 -4.46
N ILE A 230 13.37 6.45 -5.03
CA ILE A 230 12.03 5.89 -4.82
C ILE A 230 11.97 4.53 -4.09
N GLY A 231 13.05 4.20 -3.38
CA GLY A 231 13.07 3.08 -2.43
C GLY A 231 13.58 1.76 -2.98
N ILE A 232 14.06 1.77 -4.22
CA ILE A 232 14.49 0.55 -4.93
C ILE A 232 15.82 0.04 -4.37
N PRO A 233 15.81 -1.20 -3.82
CA PRO A 233 17.00 -1.88 -3.35
C PRO A 233 17.95 -2.23 -4.50
N GLN A 234 19.23 -2.34 -4.18
CA GLN A 234 20.30 -2.58 -5.14
C GLN A 234 20.07 -3.81 -6.03
N GLN A 235 19.67 -4.93 -5.43
CA GLN A 235 19.52 -6.19 -6.15
C GLN A 235 18.39 -6.23 -7.18
N VAL A 236 17.40 -5.34 -7.02
CA VAL A 236 16.32 -5.17 -8.01
C VAL A 236 16.89 -4.62 -9.33
N PHE A 237 17.83 -3.69 -9.21
CA PHE A 237 18.53 -3.15 -10.36
C PHE A 237 19.33 -4.27 -11.04
N GLN A 238 20.01 -5.08 -10.23
CA GLN A 238 20.84 -6.19 -10.72
C GLN A 238 20.01 -7.20 -11.51
N GLU A 239 18.78 -7.44 -11.06
CA GLU A 239 17.86 -8.38 -11.69
C GLU A 239 17.43 -7.97 -13.11
N VAL A 240 17.53 -6.66 -13.40
CA VAL A 240 17.23 -6.18 -14.75
C VAL A 240 18.52 -5.86 -15.53
N GLY A 241 19.65 -6.29 -14.98
CA GLY A 241 20.94 -6.18 -15.65
C GLY A 241 21.60 -4.82 -15.51
N ILE A 242 21.21 -4.08 -14.48
CA ILE A 242 21.86 -2.81 -14.17
C ILE A 242 22.80 -3.02 -12.99
N ASN A 243 24.08 -2.75 -13.21
CA ASN A 243 25.07 -2.77 -12.12
C ASN A 243 24.96 -1.43 -11.39
N TYR A 244 24.26 -1.44 -10.27
CA TYR A 244 23.87 -0.21 -9.60
C TYR A 244 24.60 0.02 -8.28
N HIS A 245 25.12 1.23 -8.13
CA HIS A 245 25.57 1.73 -6.85
C HIS A 245 24.96 3.11 -6.67
N SER A 246 24.51 3.39 -5.45
CA SER A 246 23.77 4.61 -5.17
C SER A 246 24.56 5.89 -5.44
N PRO A 247 23.98 6.81 -6.23
CA PRO A 247 24.52 8.14 -6.50
C PRO A 247 24.05 9.22 -5.52
N PHE A 248 23.25 8.82 -4.53
CA PHE A 248 22.53 9.78 -3.68
C PHE A 248 23.33 10.38 -2.52
N GLY A 249 24.32 9.64 -2.01
CA GLY A 249 24.89 9.95 -0.69
C GLY A 249 23.76 9.92 0.34
N CYS A 250 23.73 10.94 1.19
CA CYS A 250 22.72 11.04 2.26
C CYS A 250 21.42 11.75 1.83
N LYS A 251 21.35 12.20 0.58
CA LYS A 251 20.19 12.93 0.09
C LYS A 251 19.21 12.03 -0.69
N PHE A 252 17.93 12.38 -0.65
CA PHE A 252 16.89 11.61 -1.34
C PHE A 252 16.52 12.22 -2.70
N VAL A 253 16.89 13.50 -2.88
CA VAL A 253 16.77 14.19 -4.15
C VAL A 253 18.09 14.92 -4.42
N ILE A 254 18.67 14.67 -5.60
CA ILE A 254 19.97 15.22 -5.96
C ILE A 254 19.94 15.93 -7.32
N PRO A 255 20.70 17.05 -7.45
CA PRO A 255 20.82 17.68 -8.76
C PRO A 255 21.70 16.86 -9.72
N LEU A 256 21.30 16.81 -10.99
CA LEU A 256 22.12 16.16 -12.02
C LEU A 256 22.49 17.18 -13.08
N HIS A 257 23.70 17.02 -13.63
CA HIS A 257 24.22 17.89 -14.68
C HIS A 257 24.61 17.05 -15.90
N SER A 258 24.51 17.66 -17.09
CA SER A 258 24.90 16.98 -18.34
C SER A 258 26.33 16.46 -18.27
N TYR B 9 2.85 29.51 20.92
CA TYR B 9 1.44 29.41 21.42
C TYR B 9 0.75 28.09 21.04
N ARG B 10 -0.49 27.93 21.50
CA ARG B 10 -1.23 26.66 21.41
C ARG B 10 -2.20 26.61 20.24
N ARG B 11 -1.78 25.92 19.17
CA ARG B 11 -2.61 25.75 17.98
C ARG B 11 -3.08 24.29 17.82
N ILE B 12 -2.59 23.41 18.69
CA ILE B 12 -3.07 22.02 18.76
C ILE B 12 -3.79 21.80 20.07
N ILE B 13 -5.09 21.58 19.99
CA ILE B 13 -5.94 21.36 21.16
C ILE B 13 -6.52 19.94 21.12
N VAL B 14 -6.30 19.20 22.20
CA VAL B 14 -6.83 17.85 22.35
C VAL B 14 -7.95 17.82 23.42
N PRO B 15 -8.90 16.87 23.30
CA PRO B 15 -10.00 16.76 24.28
C PRO B 15 -9.55 16.32 25.67
N SER B 19 -1.22 15.46 31.58
CA SER B 19 -0.57 14.76 30.47
C SER B 19 0.41 15.70 29.77
N LYS B 20 1.62 15.20 29.53
CA LYS B 20 2.75 15.99 29.03
C LYS B 20 2.46 16.92 27.87
N GLU B 21 3.11 18.08 27.86
CA GLU B 21 3.10 19.00 26.73
C GLU B 21 4.53 19.31 26.30
N PHE B 22 4.74 19.34 24.99
CA PHE B 22 6.04 19.67 24.44
C PHE B 22 5.95 20.97 23.65
N CYS B 23 7.08 21.57 23.33
CA CYS B 23 7.09 22.67 22.38
C CYS B 23 8.18 22.52 21.33
N THR B 24 8.00 23.20 20.20
CA THR B 24 8.97 23.22 19.10
C THR B 24 10.03 24.30 19.33
N ASP B 25 11.08 24.29 18.50
CA ASP B 25 12.09 25.35 18.49
C ASP B 25 11.49 26.77 18.42
N SER B 26 10.37 26.91 17.74
CA SER B 26 9.70 28.19 17.58
C SER B 26 8.66 28.50 18.67
N GLY B 27 8.49 27.59 19.63
CA GLY B 27 7.58 27.82 20.74
C GLY B 27 6.16 27.29 20.59
N LEU B 28 5.87 26.65 19.46
CA LEU B 28 4.56 26.05 19.22
C LEU B 28 4.35 24.86 20.17
N VAL B 29 3.21 24.85 20.86
CA VAL B 29 2.93 23.81 21.85
C VAL B 29 2.38 22.57 21.19
N VAL B 30 3.04 21.43 21.41
CA VAL B 30 2.54 20.15 20.94
C VAL B 30 2.21 19.24 22.13
N PRO B 31 0.91 19.03 22.39
CA PRO B 31 0.54 18.18 23.52
C PRO B 31 0.67 16.71 23.16
N SER B 32 0.82 15.87 24.18
CA SER B 32 0.73 14.43 24.02
C SER B 32 -0.73 14.03 23.90
N ILE B 33 -0.96 12.87 23.32
CA ILE B 33 -2.27 12.25 23.29
C ILE B 33 -2.13 10.86 23.89
N SER B 34 -3.25 10.29 24.34
CA SER B 34 -3.26 8.95 24.89
C SER B 34 -2.99 7.92 23.80
N TYR B 35 -2.56 6.73 24.21
CA TYR B 35 -2.43 5.60 23.30
C TYR B 35 -3.73 5.35 22.52
N GLU B 36 -4.85 5.41 23.24
CA GLU B 36 -6.17 5.15 22.66
C GLU B 36 -6.57 6.17 21.59
N LEU B 37 -6.32 7.45 21.85
CA LEU B 37 -6.59 8.50 20.87
C LEU B 37 -5.67 8.40 19.65
N HIS B 38 -4.40 8.07 19.86
CA HIS B 38 -3.43 7.86 18.79
C HIS B 38 -3.87 6.72 17.87
N LYS B 39 -4.31 5.63 18.51
CA LYS B 39 -4.85 4.47 17.81
C LYS B 39 -6.10 4.83 17.00
N LYS B 40 -6.98 5.64 17.60
CA LYS B 40 -8.18 6.14 16.92
C LYS B 40 -7.80 7.03 15.73
N LEU B 41 -6.93 8.00 15.99
CA LEU B 41 -6.38 8.88 14.95
C LEU B 41 -5.93 8.12 13.70
N LEU B 42 -5.13 7.07 13.91
CA LEU B 42 -4.54 6.31 12.80
C LEU B 42 -5.58 5.46 12.08
N SER B 43 -6.57 4.95 12.83
CA SER B 43 -7.66 4.17 12.27
C SER B 43 -8.50 5.02 11.31
N VAL B 44 -8.81 6.24 11.72
CA VAL B 44 -9.52 7.20 10.87
C VAL B 44 -8.65 7.58 9.66
N ALA B 45 -7.36 7.82 9.88
CA ALA B 45 -6.43 8.08 8.79
C ALA B 45 -6.49 6.95 7.77
N GLU B 46 -6.44 5.72 8.26
CA GLU B 46 -6.52 4.51 7.45
C GLU B 46 -7.81 4.44 6.62
N LYS B 47 -8.95 4.70 7.28
CA LYS B 47 -10.26 4.73 6.62
C LYS B 47 -10.27 5.63 5.38
N HIS B 48 -9.53 6.73 5.46
CA HIS B 48 -9.47 7.71 4.38
C HIS B 48 -8.37 7.45 3.33
N GLY B 49 -7.65 6.34 3.49
CA GLY B 49 -6.72 5.88 2.47
C GLY B 49 -5.25 5.90 2.86
N LEU B 50 -4.96 6.34 4.09
CA LEU B 50 -3.60 6.36 4.58
C LEU B 50 -3.29 5.00 5.17
N THR B 51 -3.06 4.05 4.26
CA THR B 51 -2.89 2.66 4.63
C THR B 51 -1.58 2.45 5.40
N LEU B 52 -1.50 1.33 6.09
CA LEU B 52 -0.33 0.96 6.87
C LEU B 52 0.93 0.90 5.98
N GLU B 53 0.82 0.25 4.83
CA GLU B 53 1.95 0.15 3.90
C GLU B 53 2.49 1.52 3.47
N ARG B 54 1.60 2.48 3.20
CA ARG B 54 2.02 3.85 2.92
C ARG B 54 2.80 4.47 4.09
N ARG B 55 2.27 4.32 5.31
CA ARG B 55 2.90 4.87 6.51
C ARG B 55 4.23 4.19 6.87
N LEU B 56 4.30 2.87 6.67
CA LEU B 56 5.57 2.16 6.84
C LEU B 56 6.67 2.71 5.91
N GLU B 57 6.33 2.93 4.64
CA GLU B 57 7.26 3.51 3.68
C GLU B 57 7.67 4.94 4.09
N MET B 58 6.68 5.76 4.43
CA MET B 58 6.95 7.15 4.80
C MET B 58 7.79 7.21 6.07
N THR B 59 7.38 6.45 7.08
CA THR B 59 8.11 6.41 8.34
C THR B 59 9.56 6.00 8.13
N GLY B 60 9.78 4.97 7.31
CA GLY B 60 11.13 4.51 6.95
C GLY B 60 11.97 5.60 6.29
N VAL B 61 11.38 6.34 5.37
CA VAL B 61 12.06 7.43 4.70
C VAL B 61 12.50 8.52 5.69
N CYS B 62 11.54 9.05 6.46
CA CYS B 62 11.78 10.17 7.37
C CYS B 62 12.64 9.80 8.56
N ALA B 63 12.47 8.59 9.07
CA ALA B 63 13.34 8.09 10.13
C ALA B 63 14.78 7.88 9.64
N SER B 64 14.93 7.37 8.42
CA SER B 64 16.26 7.16 7.85
C SER B 64 16.95 8.49 7.60
N GLN B 65 16.17 9.51 7.21
CA GLN B 65 16.67 10.88 7.04
C GLN B 65 17.16 11.44 8.36
N MET B 66 16.38 11.24 9.41
CA MET B 66 16.79 11.60 10.76
C MET B 66 18.05 10.84 11.19
N ALA B 67 18.05 9.52 11.00
CA ALA B 67 19.23 8.71 11.32
C ALA B 67 20.51 9.15 10.59
N LEU B 68 20.37 9.57 9.32
CA LEU B 68 21.50 10.02 8.50
C LEU B 68 22.10 11.33 9.02
N THR B 69 21.25 12.17 9.60
CA THR B 69 21.70 13.39 10.26
C THR B 69 22.49 13.06 11.53
N LEU B 70 22.05 12.04 12.25
CA LEU B 70 22.71 11.62 13.48
C LEU B 70 24.04 11.00 13.15
N LEU B 71 24.14 10.44 11.95
CA LEU B 71 25.36 9.80 11.48
C LEU B 71 26.36 10.79 10.89
N GLY B 72 26.00 12.08 10.89
CA GLY B 72 26.91 13.14 10.47
C GLY B 72 26.61 13.77 9.12
N GLY B 73 25.77 13.10 8.33
CA GLY B 73 25.35 13.56 6.99
C GLY B 73 26.41 14.18 6.11
N PRO B 74 27.40 13.38 5.66
CA PRO B 74 28.57 13.92 4.93
C PRO B 74 28.21 14.63 3.63
N GLN B 84 35.52 4.63 5.50
CA GLN B 84 34.54 3.55 5.48
C GLN B 84 33.14 4.02 5.87
N ARG B 85 32.13 3.23 5.48
CA ARG B 85 30.74 3.56 5.74
C ARG B 85 30.36 3.42 7.22
N PRO B 86 29.41 4.26 7.69
CA PRO B 86 28.84 4.10 9.04
C PRO B 86 28.07 2.80 9.22
N THR B 87 27.98 2.35 10.47
CA THR B 87 27.39 1.06 10.78
C THR B 87 26.23 1.25 11.75
N VAL B 88 25.10 0.62 11.42
CA VAL B 88 23.91 0.72 12.24
C VAL B 88 23.44 -0.68 12.61
N ALA B 89 23.22 -0.88 13.90
CA ALA B 89 22.57 -2.09 14.41
C ALA B 89 21.09 -1.81 14.66
N LEU B 90 20.23 -2.52 13.92
CA LEU B 90 18.78 -2.38 14.03
C LEU B 90 18.21 -3.53 14.84
N LEU B 91 17.50 -3.20 15.92
CA LEU B 91 16.92 -4.20 16.81
C LEU B 91 15.41 -4.16 16.72
N CYS B 92 14.82 -5.14 16.05
CA CYS B 92 13.39 -5.16 15.81
C CYS B 92 12.71 -6.34 16.46
N GLY B 93 11.49 -6.10 16.94
CA GLY B 93 10.60 -7.15 17.38
C GLY B 93 9.64 -7.63 16.30
N PRO B 94 9.03 -8.81 16.50
CA PRO B 94 8.05 -9.42 15.61
C PRO B 94 6.68 -8.75 15.65
N HIS B 95 6.63 -7.49 15.23
CA HIS B 95 5.41 -6.69 15.31
C HIS B 95 5.55 -5.50 14.37
N VAL B 96 4.51 -4.66 14.31
CA VAL B 96 4.47 -3.54 13.36
C VAL B 96 5.55 -2.48 13.64
N LYS B 97 5.84 -2.26 14.92
CA LYS B 97 6.92 -1.36 15.33
C LYS B 97 8.28 -1.87 14.80
N GLY B 98 8.46 -3.20 14.80
CA GLY B 98 9.64 -3.83 14.22
C GLY B 98 9.67 -3.65 12.71
N ALA B 99 8.51 -3.78 12.07
CA ALA B 99 8.35 -3.51 10.64
C ALA B 99 8.74 -2.08 10.25
N GLN B 100 8.44 -1.12 11.11
CA GLN B 100 8.86 0.27 10.96
C GLN B 100 10.39 0.36 10.97
N GLY B 101 11.03 -0.36 11.90
CA GLY B 101 12.50 -0.46 11.90
C GLY B 101 13.11 -1.03 10.63
N ILE B 102 12.51 -2.08 10.10
CA ILE B 102 13.03 -2.72 8.87
C ILE B 102 12.95 -1.75 7.68
N SER B 103 11.84 -1.04 7.59
CA SER B 103 11.67 0.01 6.58
C SER B 103 12.77 1.07 6.66
N CYS B 104 13.01 1.60 7.86
CA CYS B 104 14.10 2.54 8.08
C CYS B 104 15.44 1.91 7.69
N GLY B 105 15.65 0.65 8.09
CA GLY B 105 16.85 -0.09 7.72
C GLY B 105 17.09 -0.28 6.23
N ARG B 106 16.03 -0.59 5.47
CA ARG B 106 16.17 -0.72 4.01
C ARG B 106 16.58 0.62 3.37
N HIS B 107 15.95 1.71 3.80
CA HIS B 107 16.26 3.04 3.28
C HIS B 107 17.69 3.46 3.62
N LEU B 108 18.14 3.14 4.83
CA LEU B 108 19.54 3.36 5.20
C LEU B 108 20.51 2.55 4.36
N ALA B 109 20.19 1.27 4.16
CA ALA B 109 20.99 0.39 3.29
C ALA B 109 21.05 0.91 1.86
N ASN B 110 19.94 1.46 1.37
CA ASN B 110 19.92 2.08 0.04
C ASN B 110 20.85 3.28 -0.08
N HIS B 111 21.14 3.89 1.06
CA HIS B 111 22.02 5.05 1.12
C HIS B 111 23.41 4.72 1.64
N ASP B 112 23.85 3.49 1.37
CA ASP B 112 25.23 3.03 1.62
C ASP B 112 25.63 2.93 3.09
N VAL B 113 24.66 2.89 3.99
CA VAL B 113 24.94 2.63 5.40
C VAL B 113 25.08 1.12 5.56
N GLN B 114 26.04 0.67 6.36
CA GLN B 114 26.17 -0.74 6.68
C GLN B 114 25.11 -1.07 7.73
N VAL B 115 24.07 -1.81 7.33
CA VAL B 115 22.97 -2.13 8.25
C VAL B 115 23.00 -3.59 8.67
N ILE B 116 23.01 -3.83 9.98
CA ILE B 116 22.79 -5.15 10.53
C ILE B 116 21.49 -5.13 11.31
N LEU B 117 20.54 -5.92 10.82
CA LEU B 117 19.19 -6.00 11.36
C LEU B 117 18.99 -7.26 12.19
N PHE B 118 18.71 -7.07 13.49
CA PHE B 118 18.34 -8.17 14.39
C PHE B 118 16.84 -8.29 14.46
N LEU B 119 16.36 -9.49 14.18
CA LEU B 119 14.98 -9.87 14.40
C LEU B 119 15.02 -11.31 14.88
N PRO B 120 14.44 -11.57 16.06
CA PRO B 120 14.41 -12.93 16.56
C PRO B 120 13.47 -13.77 15.70
N ASN B 121 13.64 -15.09 15.74
CA ASN B 121 12.70 -15.96 15.04
C ASN B 121 11.38 -16.15 15.75
N PHE B 122 10.34 -16.39 14.96
CA PHE B 122 8.99 -16.57 15.46
C PHE B 122 8.18 -17.38 14.45
N VAL B 123 6.98 -17.76 14.85
CA VAL B 123 6.16 -18.70 14.06
C VAL B 123 4.96 -18.03 13.39
N LYS B 124 4.35 -17.07 14.09
CA LYS B 124 3.17 -16.37 13.60
C LYS B 124 3.61 -15.22 12.70
N MET B 125 3.60 -15.46 11.39
CA MET B 125 4.08 -14.47 10.44
C MET B 125 3.15 -13.25 10.38
N LEU B 126 3.74 -12.10 10.06
CA LEU B 126 3.02 -10.83 10.02
C LEU B 126 3.28 -10.16 8.68
N GLU B 127 2.20 -9.78 8.02
CA GLU B 127 2.25 -9.18 6.67
C GLU B 127 3.27 -8.04 6.54
N SER B 128 3.21 -7.07 7.46
CA SER B 128 4.10 -5.92 7.43
C SER B 128 5.58 -6.34 7.55
N ILE B 129 5.87 -7.25 8.47
CA ILE B 129 7.23 -7.81 8.62
C ILE B 129 7.68 -8.51 7.32
N THR B 130 6.83 -9.42 6.83
CA THR B 130 7.08 -10.15 5.59
C THR B 130 7.41 -9.23 4.41
N ASN B 131 6.56 -8.23 4.19
CA ASN B 131 6.75 -7.28 3.10
C ASN B 131 8.02 -6.43 3.28
N GLU B 132 8.28 -5.97 4.50
CA GLU B 132 9.48 -5.18 4.75
C GLU B 132 10.77 -5.99 4.59
N LEU B 133 10.76 -7.23 5.07
CA LEU B 133 11.91 -8.14 4.95
C LEU B 133 12.20 -8.51 3.50
N SER B 134 11.14 -8.67 2.72
CA SER B 134 11.25 -8.97 1.29
C SER B 134 12.05 -7.90 0.57
N LEU B 135 11.77 -6.64 0.89
CA LEU B 135 12.54 -5.51 0.33
C LEU B 135 13.94 -5.43 0.91
N PHE B 136 14.05 -5.61 2.22
CA PHE B 136 15.34 -5.56 2.91
C PHE B 136 16.30 -6.64 2.41
N SER B 137 15.75 -7.80 2.04
CA SER B 137 16.52 -8.91 1.48
C SER B 137 17.21 -8.55 0.18
N LYS B 138 16.68 -7.56 -0.53
CA LYS B 138 17.24 -7.15 -1.81
C LYS B 138 18.22 -6.00 -1.65
N THR B 139 18.49 -5.61 -0.40
CA THR B 139 19.53 -4.63 -0.12
C THR B 139 20.84 -5.35 0.20
N GLN B 140 21.87 -4.57 0.51
CA GLN B 140 23.13 -5.10 1.01
C GLN B 140 23.11 -5.28 2.53
N GLY B 141 21.96 -4.99 3.13
CA GLY B 141 21.76 -5.22 4.57
C GLY B 141 21.91 -6.67 4.99
N GLN B 142 22.21 -6.88 6.26
CA GLN B 142 22.39 -8.21 6.82
C GLN B 142 21.28 -8.45 7.84
N GLN B 143 20.50 -9.50 7.63
CA GLN B 143 19.48 -9.92 8.60
C GLN B 143 20.02 -11.05 9.46
N VAL B 144 19.92 -10.87 10.78
CA VAL B 144 20.37 -11.88 11.76
C VAL B 144 19.28 -12.11 12.80
N SER B 145 19.30 -13.29 13.42
CA SER B 145 18.35 -13.66 14.46
C SER B 145 19.04 -13.93 15.79
N SER B 146 20.38 -13.91 15.76
CA SER B 146 21.21 -14.04 16.95
C SER B 146 21.91 -12.72 17.27
N LEU B 147 21.93 -12.37 18.55
CA LEU B 147 22.61 -11.16 19.01
C LEU B 147 24.13 -11.25 18.89
N LYS B 148 24.66 -12.47 18.89
CA LYS B 148 26.09 -12.72 18.69
C LYS B 148 26.59 -12.35 17.30
N ASP B 149 25.67 -12.29 16.34
CA ASP B 149 25.98 -11.88 14.97
C ASP B 149 26.14 -10.36 14.80
N LEU B 150 25.75 -9.61 15.82
CA LEU B 150 25.92 -8.17 15.83
C LEU B 150 27.38 -7.84 16.19
N PRO B 151 27.87 -6.65 15.77
CA PRO B 151 29.25 -6.22 16.09
C PRO B 151 29.66 -6.36 17.56
N THR B 152 30.93 -6.69 17.78
CA THR B 152 31.52 -6.77 19.12
C THR B 152 31.97 -5.39 19.58
N SER B 153 32.26 -4.52 18.61
CA SER B 153 32.72 -3.16 18.88
C SER B 153 31.53 -2.20 18.80
N PRO B 154 31.67 -0.99 19.38
CA PRO B 154 30.56 -0.04 19.25
C PRO B 154 30.26 0.32 17.80
N VAL B 155 28.99 0.26 17.43
CA VAL B 155 28.56 0.74 16.10
C VAL B 155 28.39 2.25 16.16
N ASP B 156 27.99 2.86 15.05
CA ASP B 156 27.79 4.30 15.02
C ASP B 156 26.43 4.67 15.60
N LEU B 157 25.44 3.80 15.40
CA LEU B 157 24.07 4.05 15.85
C LEU B 157 23.33 2.74 16.08
N VAL B 158 22.65 2.66 17.22
CA VAL B 158 21.70 1.59 17.49
C VAL B 158 20.30 2.18 17.29
N ILE B 159 19.50 1.51 16.47
CA ILE B 159 18.10 1.87 16.30
C ILE B 159 17.21 0.80 16.97
N ASN B 160 16.48 1.23 17.98
CA ASN B 160 15.66 0.32 18.78
C ASN B 160 14.17 0.33 18.39
N CYS B 161 13.70 -0.80 17.91
CA CYS B 161 12.29 -1.02 17.59
C CYS B 161 11.85 -2.36 18.19
N LEU B 162 12.34 -2.67 19.39
CA LEU B 162 12.13 -3.95 20.05
C LEU B 162 10.74 -4.15 20.69
N ASP B 163 10.20 -3.08 21.25
CA ASP B 163 8.95 -3.13 22.00
C ASP B 163 7.75 -2.65 21.18
N CYS B 164 6.56 -3.13 21.57
CA CYS B 164 5.29 -2.80 20.95
C CYS B 164 4.22 -2.72 22.03
N PRO B 165 3.28 -1.75 21.93
CA PRO B 165 2.29 -1.53 22.99
C PRO B 165 1.28 -2.66 23.14
N GLU B 166 1.06 -3.45 22.09
CA GLU B 166 0.02 -4.49 22.13
C GLU B 166 0.36 -5.73 22.96
N ASN B 167 1.62 -5.85 23.40
CA ASN B 167 2.11 -7.05 24.10
C ASN B 167 2.67 -6.70 25.48
N VAL B 168 1.86 -6.94 26.51
CA VAL B 168 2.21 -6.60 27.90
C VAL B 168 3.25 -7.56 28.51
N PHE B 169 3.37 -8.76 27.93
CA PHE B 169 4.31 -9.75 28.43
C PHE B 169 5.64 -9.77 27.65
N LEU B 170 5.73 -8.93 26.61
CA LEU B 170 6.91 -8.89 25.73
C LEU B 170 8.22 -8.64 26.49
N ARG B 171 8.17 -7.71 27.43
CA ARG B 171 9.34 -7.32 28.21
C ARG B 171 9.81 -8.41 29.19
N ASP B 172 8.93 -9.36 29.50
CA ASP B 172 9.28 -10.50 30.35
C ASP B 172 10.08 -11.57 29.62
N GLN B 173 10.07 -11.51 28.29
CA GLN B 173 10.67 -12.55 27.45
C GLN B 173 12.20 -12.47 27.46
N PRO B 174 12.86 -13.64 27.68
CA PRO B 174 14.32 -13.75 27.62
C PRO B 174 14.97 -13.13 26.37
N TRP B 175 14.39 -13.36 25.19
CA TRP B 175 14.95 -12.84 23.94
C TRP B 175 15.03 -11.31 23.96
N TYR B 176 14.02 -10.69 24.55
CA TYR B 176 13.91 -9.25 24.66
C TYR B 176 14.92 -8.70 25.67
N LYS B 177 14.96 -9.31 26.85
CA LYS B 177 15.90 -8.90 27.90
C LYS B 177 17.33 -8.99 27.40
N ALA B 178 17.63 -10.04 26.65
CA ALA B 178 18.94 -10.22 26.02
C ALA B 178 19.23 -9.10 25.01
N ALA B 179 18.23 -8.72 24.22
CA ALA B 179 18.39 -7.67 23.21
C ALA B 179 18.67 -6.32 23.85
N VAL B 180 17.89 -6.00 24.90
CA VAL B 180 18.09 -4.81 25.74
C VAL B 180 19.49 -4.81 26.38
N ALA B 181 19.90 -5.94 26.93
CA ALA B 181 21.24 -6.08 27.49
C ALA B 181 22.31 -5.83 26.41
N TRP B 182 22.11 -6.37 25.22
CA TRP B 182 23.06 -6.13 24.13
C TRP B 182 23.19 -4.64 23.81
N ALA B 183 22.06 -3.95 23.70
CA ALA B 183 22.04 -2.52 23.40
C ALA B 183 22.78 -1.71 24.47
N ASN B 184 22.54 -2.05 25.73
CA ASN B 184 23.16 -1.36 26.86
C ASN B 184 24.68 -1.51 26.94
N GLN B 185 25.20 -2.64 26.44
CA GLN B 185 26.62 -2.94 26.51
C GLN B 185 27.42 -2.50 25.27
N ASN B 186 26.74 -2.23 24.16
CA ASN B 186 27.42 -1.86 22.90
C ASN B 186 28.15 -0.49 22.92
N ARG B 187 27.66 0.45 23.74
CA ARG B 187 28.23 1.80 23.90
C ARG B 187 27.72 2.84 22.88
N ALA B 188 27.20 2.39 21.75
CA ALA B 188 26.67 3.30 20.74
C ALA B 188 25.38 3.96 21.24
N PRO B 189 25.12 5.21 20.81
CA PRO B 189 23.88 5.87 21.22
C PRO B 189 22.66 5.20 20.58
N VAL B 190 21.53 5.27 21.26
CA VAL B 190 20.32 4.58 20.83
C VAL B 190 19.26 5.57 20.38
N LEU B 191 18.77 5.37 19.15
CA LEU B 191 17.56 6.01 18.66
C LEU B 191 16.41 4.99 18.74
N SER B 192 15.36 5.36 19.47
CA SER B 192 14.18 4.52 19.58
C SER B 192 13.09 5.09 18.68
N ILE B 193 12.71 4.33 17.65
CA ILE B 193 11.61 4.72 16.81
C ILE B 193 10.32 4.21 17.42
N ASP B 194 9.47 5.15 17.83
CA ASP B 194 8.11 4.88 18.27
C ASP B 194 8.08 3.91 19.47
N PRO B 195 8.74 4.30 20.58
CA PRO B 195 8.72 3.46 21.77
C PRO B 195 7.39 3.60 22.54
N PRO B 196 6.99 2.53 23.27
CA PRO B 196 5.91 2.63 24.25
C PRO B 196 6.29 3.49 25.47
N VAL B 197 5.29 3.92 26.23
CA VAL B 197 5.47 4.90 27.31
C VAL B 197 6.21 4.35 28.56
N HIS B 198 5.70 3.27 29.14
CA HIS B 198 6.32 2.67 30.32
C HIS B 198 7.56 1.85 29.96
N ILE B 204 16.25 0.06 28.10
CA ILE B 204 17.07 0.91 27.21
C ILE B 204 16.79 2.40 27.39
N ASP B 205 17.76 3.12 27.96
CA ASP B 205 17.75 4.59 28.00
C ASP B 205 18.12 5.16 26.64
N ALA B 206 17.13 5.60 25.87
CA ALA B 206 17.36 6.16 24.54
C ALA B 206 18.01 7.55 24.61
N LYS B 207 18.94 7.81 23.71
CA LYS B 207 19.46 9.17 23.54
C LYS B 207 18.40 10.03 22.86
N TRP B 208 17.81 9.49 21.80
CA TRP B 208 16.71 10.14 21.09
C TRP B 208 15.56 9.15 20.88
N SER B 209 14.33 9.67 20.87
CA SER B 209 13.17 8.89 20.47
C SER B 209 12.39 9.61 19.38
N LEU B 210 11.74 8.84 18.52
CA LEU B 210 10.97 9.39 17.43
C LEU B 210 9.48 9.07 17.57
N ALA B 211 8.70 10.09 17.94
CA ALA B 211 7.24 10.00 17.94
C ALA B 211 6.68 10.22 16.53
N LEU B 212 5.50 9.66 16.29
CA LEU B 212 4.89 9.65 14.95
C LEU B 212 3.52 10.33 14.96
N GLY B 213 3.38 11.39 14.16
CA GLY B 213 2.12 12.13 14.03
C GLY B 213 1.89 13.08 15.19
N LEU B 214 1.60 12.50 16.36
CA LEU B 214 1.53 13.24 17.63
C LEU B 214 2.15 12.35 18.70
N PRO B 215 2.88 12.95 19.66
CA PRO B 215 3.57 12.13 20.65
C PRO B 215 2.67 11.56 21.76
N LEU B 216 3.05 10.39 22.25
CA LEU B 216 2.51 9.86 23.49
C LEU B 216 3.22 10.58 24.65
N PRO B 217 2.68 10.47 25.88
CA PRO B 217 3.38 11.12 26.99
C PRO B 217 4.69 10.41 27.37
N LEU B 218 5.68 10.49 26.47
CA LEU B 218 7.01 9.91 26.68
C LEU B 218 7.77 10.67 27.77
N GLY B 219 8.44 9.92 28.64
CA GLY B 219 9.21 10.49 29.76
C GLY B 219 10.71 10.51 29.53
N GLU B 220 11.47 10.68 30.61
CA GLU B 220 12.92 10.94 30.54
C GLU B 220 13.76 9.81 29.92
N HIS B 221 13.27 8.57 30.01
CA HIS B 221 13.97 7.43 29.40
C HIS B 221 13.90 7.43 27.88
N ALA B 222 13.08 8.32 27.32
CA ALA B 222 13.00 8.50 25.86
C ALA B 222 14.08 9.46 25.34
N GLY B 223 14.75 10.15 26.26
CA GLY B 223 15.79 11.13 25.91
C GLY B 223 15.24 12.29 25.12
N ARG B 224 15.99 12.74 24.13
CA ARG B 224 15.55 13.85 23.29
C ARG B 224 14.47 13.41 22.31
N ILE B 225 13.30 14.01 22.43
CA ILE B 225 12.10 13.61 21.69
C ILE B 225 11.94 14.40 20.38
N TYR B 226 11.72 13.67 19.29
CA TYR B 226 11.47 14.25 17.98
C TYR B 226 10.10 13.82 17.50
N LEU B 227 9.52 14.64 16.61
CA LEU B 227 8.25 14.28 16.03
C LEU B 227 8.39 14.12 14.51
N CYS B 228 7.82 13.04 14.00
CA CYS B 228 7.85 12.71 12.60
C CYS B 228 6.47 12.94 12.01
N ASP B 229 6.45 13.62 10.86
CA ASP B 229 5.24 13.71 10.05
C ASP B 229 5.02 12.35 9.39
N ILE B 230 3.83 11.79 9.56
CA ILE B 230 3.49 10.52 8.90
C ILE B 230 2.38 10.67 7.84
N GLY B 231 2.08 11.91 7.47
CA GLY B 231 1.28 12.21 6.28
C GLY B 231 -0.20 12.43 6.52
N ILE B 232 -0.55 12.68 7.78
CA ILE B 232 -1.94 12.77 8.22
C ILE B 232 -2.52 14.16 7.92
N PRO B 233 -3.57 14.20 7.07
CA PRO B 233 -4.21 15.47 6.74
C PRO B 233 -4.92 16.11 7.93
N GLN B 234 -4.98 17.44 7.93
CA GLN B 234 -5.59 18.23 9.02
C GLN B 234 -6.97 17.73 9.47
N GLN B 235 -7.84 17.41 8.50
CA GLN B 235 -9.22 17.06 8.81
C GLN B 235 -9.43 15.69 9.47
N VAL B 236 -8.44 14.80 9.35
CA VAL B 236 -8.44 13.51 10.05
C VAL B 236 -8.31 13.73 11.57
N PHE B 237 -7.49 14.69 11.96
CA PHE B 237 -7.35 15.08 13.36
C PHE B 237 -8.67 15.61 13.92
N GLN B 238 -9.33 16.48 13.14
CA GLN B 238 -10.58 17.12 13.53
C GLN B 238 -11.68 16.08 13.77
N GLU B 239 -11.67 15.02 12.98
CA GLU B 239 -12.64 13.93 13.08
C GLU B 239 -12.53 13.12 14.38
N VAL B 240 -11.35 13.14 15.01
CA VAL B 240 -11.16 12.50 16.31
C VAL B 240 -11.18 13.51 17.47
N GLY B 241 -11.58 14.74 17.19
CA GLY B 241 -11.73 15.77 18.21
C GLY B 241 -10.50 16.63 18.49
N ILE B 242 -9.50 16.55 17.60
CA ILE B 242 -8.27 17.32 17.75
C ILE B 242 -8.30 18.54 16.84
N ASN B 243 -8.15 19.73 17.43
CA ASN B 243 -7.98 20.96 16.65
C ASN B 243 -6.50 21.10 16.34
N TYR B 244 -6.12 20.70 15.12
CA TYR B 244 -4.72 20.54 14.76
C TYR B 244 -4.26 21.58 13.75
N HIS B 245 -3.11 22.16 14.04
CA HIS B 245 -2.36 22.94 13.06
C HIS B 245 -0.92 22.45 13.07
N SER B 246 -0.36 22.29 11.87
CA SER B 246 0.96 21.71 11.68
C SER B 246 2.02 22.43 12.52
N PRO B 247 2.74 21.68 13.37
CA PRO B 247 3.87 22.20 14.13
C PRO B 247 5.20 22.10 13.39
N PHE B 248 5.17 21.60 12.15
CA PHE B 248 6.37 21.14 11.46
C PHE B 248 7.15 22.20 10.70
N GLY B 249 6.46 23.26 10.27
CA GLY B 249 7.00 24.17 9.26
C GLY B 249 7.34 23.37 8.01
N CYS B 250 8.55 23.54 7.51
CA CYS B 250 8.96 22.91 6.26
C CYS B 250 9.67 21.56 6.48
N LYS B 251 9.81 21.15 7.74
CA LYS B 251 10.52 19.94 8.10
C LYS B 251 9.56 18.79 8.36
N PHE B 252 10.04 17.58 8.13
CA PHE B 252 9.24 16.36 8.32
C PHE B 252 9.59 15.66 9.64
N VAL B 253 10.77 16.01 10.19
CA VAL B 253 11.15 15.59 11.54
C VAL B 253 11.63 16.82 12.33
N ILE B 254 11.04 17.04 13.50
CA ILE B 254 11.36 18.20 14.34
C ILE B 254 11.68 17.82 15.78
N PRO B 255 12.63 18.54 16.43
CA PRO B 255 12.88 18.30 17.86
C PRO B 255 11.78 18.89 18.75
N LEU B 256 11.44 18.18 19.82
CA LEU B 256 10.50 18.66 20.81
C LEU B 256 11.20 18.86 22.14
N HIS B 257 10.80 19.87 22.89
CA HIS B 257 11.33 20.11 24.24
C HIS B 257 10.20 20.04 25.23
N SER B 258 10.53 19.63 26.47
CA SER B 258 9.58 19.67 27.57
C SER B 258 9.09 21.12 27.75
N TYR C 9 -60.58 13.35 -22.82
CA TYR C 9 -60.58 11.86 -22.89
C TYR C 9 -59.29 11.23 -23.43
N ARG C 10 -59.34 9.92 -23.69
CA ARG C 10 -58.14 9.10 -23.86
C ARG C 10 -57.88 8.74 -25.32
N ARG C 11 -56.98 9.50 -25.95
CA ARG C 11 -56.67 9.33 -27.36
C ARG C 11 -55.25 8.79 -27.57
N ILE C 12 -54.47 8.74 -26.50
CA ILE C 12 -53.15 8.13 -26.54
C ILE C 12 -53.15 6.89 -25.68
N ILE C 13 -52.92 5.74 -26.32
CA ILE C 13 -52.90 4.46 -25.63
C ILE C 13 -51.52 3.83 -25.81
N VAL C 14 -50.89 3.57 -24.66
CA VAL C 14 -49.55 2.98 -24.64
C VAL C 14 -49.63 1.47 -24.36
N PRO C 15 -48.64 0.69 -24.85
CA PRO C 15 -48.64 -0.77 -24.65
C PRO C 15 -48.51 -1.19 -23.19
N SER C 19 -48.71 3.19 -13.81
CA SER C 19 -47.90 4.32 -14.26
C SER C 19 -48.72 5.62 -14.31
N LYS C 20 -48.07 6.73 -13.96
CA LYS C 20 -48.70 8.05 -13.90
C LYS C 20 -49.34 8.45 -15.22
N GLU C 21 -50.46 9.14 -15.12
CA GLU C 21 -51.10 9.78 -16.26
C GLU C 21 -51.24 11.26 -15.96
N PHE C 22 -51.14 12.06 -17.01
CA PHE C 22 -51.36 13.49 -16.92
C PHE C 22 -52.55 13.84 -17.81
N CYS C 23 -53.04 15.06 -17.69
CA CYS C 23 -54.04 15.57 -18.64
C CYS C 23 -53.72 16.99 -19.10
N THR C 24 -54.26 17.35 -20.25
CA THR C 24 -54.08 18.69 -20.81
C THR C 24 -55.12 19.67 -20.25
N ASP C 25 -54.96 20.96 -20.57
CA ASP C 25 -55.94 22.00 -20.23
C ASP C 25 -57.35 21.63 -20.68
N SER C 26 -57.46 20.94 -21.81
CA SER C 26 -58.76 20.52 -22.35
C SER C 26 -59.23 19.16 -21.83
N GLY C 27 -58.44 18.55 -20.95
CA GLY C 27 -58.81 17.27 -20.35
C GLY C 27 -58.35 16.04 -21.10
N LEU C 28 -57.58 16.22 -22.18
CA LEU C 28 -57.02 15.10 -22.92
C LEU C 28 -55.97 14.40 -22.06
N VAL C 29 -56.06 13.07 -22.01
CA VAL C 29 -55.17 12.29 -21.18
C VAL C 29 -53.86 12.01 -21.93
N VAL C 30 -52.75 12.41 -21.33
CA VAL C 30 -51.44 12.01 -21.82
C VAL C 30 -50.74 11.14 -20.78
N PRO C 31 -50.61 9.85 -21.09
CA PRO C 31 -49.95 8.88 -20.22
C PRO C 31 -48.44 9.08 -20.20
N SER C 32 -47.82 8.76 -19.08
CA SER C 32 -46.38 8.70 -19.02
C SER C 32 -45.95 7.39 -19.68
N ILE C 33 -44.70 7.35 -20.12
CA ILE C 33 -44.11 6.12 -20.63
C ILE C 33 -42.80 5.86 -19.92
N SER C 34 -42.34 4.61 -19.97
CA SER C 34 -41.09 4.21 -19.33
C SER C 34 -39.91 4.86 -20.04
N TYR C 35 -38.79 4.94 -19.33
CA TYR C 35 -37.55 5.40 -19.93
C TYR C 35 -37.18 4.55 -21.16
N GLU C 36 -37.33 3.24 -21.04
CA GLU C 36 -37.05 2.30 -22.13
C GLU C 36 -37.92 2.52 -23.37
N LEU C 37 -39.24 2.63 -23.16
CA LEU C 37 -40.16 2.93 -24.27
C LEU C 37 -39.83 4.29 -24.91
N HIS C 38 -39.52 5.29 -24.08
CA HIS C 38 -39.14 6.61 -24.59
C HIS C 38 -37.88 6.53 -25.46
N LYS C 39 -36.91 5.74 -24.99
CA LYS C 39 -35.66 5.52 -25.70
C LYS C 39 -35.90 4.82 -27.04
N LYS C 40 -36.76 3.81 -27.04
CA LYS C 40 -37.11 3.07 -28.26
C LYS C 40 -37.85 3.95 -29.27
N LEU C 41 -38.80 4.76 -28.77
CA LEU C 41 -39.50 5.74 -29.60
C LEU C 41 -38.56 6.64 -30.39
N LEU C 42 -37.58 7.22 -29.71
CA LEU C 42 -36.64 8.14 -30.35
C LEU C 42 -35.67 7.43 -31.28
N SER C 43 -35.37 6.17 -30.95
CA SER C 43 -34.55 5.30 -31.77
C SER C 43 -35.20 5.09 -33.14
N VAL C 44 -36.49 4.74 -33.13
CA VAL C 44 -37.28 4.57 -34.35
C VAL C 44 -37.45 5.89 -35.12
N ALA C 45 -37.64 7.00 -34.40
CA ALA C 45 -37.72 8.33 -35.02
C ALA C 45 -36.43 8.68 -35.77
N GLU C 46 -35.29 8.33 -35.19
CA GLU C 46 -33.99 8.55 -35.80
C GLU C 46 -33.81 7.73 -37.09
N LYS C 47 -34.29 6.48 -37.06
CA LYS C 47 -34.24 5.59 -38.24
C LYS C 47 -35.04 6.09 -39.43
N HIS C 48 -36.05 6.93 -39.17
CA HIS C 48 -36.86 7.49 -40.25
C HIS C 48 -36.41 8.90 -40.66
N GLY C 49 -35.34 9.38 -40.04
CA GLY C 49 -34.69 10.62 -40.45
C GLY C 49 -34.76 11.78 -39.45
N LEU C 50 -35.43 11.56 -38.33
CA LEU C 50 -35.47 12.57 -37.28
C LEU C 50 -34.17 12.45 -36.48
N THR C 51 -33.10 12.95 -37.10
CA THR C 51 -31.77 12.87 -36.55
C THR C 51 -31.68 13.63 -35.23
N LEU C 52 -30.66 13.32 -34.45
CA LEU C 52 -30.41 14.00 -33.19
C LEU C 52 -30.27 15.52 -33.37
N GLU C 53 -29.61 15.95 -34.44
CA GLU C 53 -29.36 17.38 -34.57
C GLU C 53 -30.60 18.20 -34.96
N ARG C 54 -31.50 17.61 -35.75
CA ARG C 54 -32.85 18.17 -35.95
C ARG C 54 -33.62 18.30 -34.62
N ARG C 55 -33.58 17.27 -33.79
CA ARG C 55 -34.29 17.30 -32.50
C ARG C 55 -33.67 18.30 -31.51
N LEU C 56 -32.35 18.39 -31.51
CA LEU C 56 -31.66 19.39 -30.67
C LEU C 56 -32.00 20.81 -31.09
N GLU C 57 -32.05 21.04 -32.40
CA GLU C 57 -32.45 22.34 -32.92
C GLU C 57 -33.88 22.69 -32.50
N MET C 58 -34.81 21.76 -32.71
CA MET C 58 -36.21 21.95 -32.37
C MET C 58 -36.44 22.06 -30.86
N THR C 59 -35.79 21.21 -30.07
CA THR C 59 -35.91 21.30 -28.63
C THR C 59 -35.42 22.66 -28.12
N GLY C 60 -34.31 23.14 -28.67
CA GLY C 60 -33.74 24.42 -28.28
C GLY C 60 -34.67 25.58 -28.59
N VAL C 61 -35.31 25.53 -29.76
CA VAL C 61 -36.28 26.55 -30.21
C VAL C 61 -37.49 26.60 -29.29
N CYS C 62 -38.13 25.45 -29.10
CA CYS C 62 -39.36 25.36 -28.30
C CYS C 62 -39.08 25.54 -26.79
N ALA C 63 -37.94 25.04 -26.31
CA ALA C 63 -37.54 25.29 -24.92
C ALA C 63 -37.25 26.76 -24.67
N SER C 64 -36.57 27.40 -25.61
CA SER C 64 -36.26 28.83 -25.51
C SER C 64 -37.55 29.65 -25.52
N GLN C 65 -38.52 29.23 -26.33
CA GLN C 65 -39.81 29.91 -26.41
C GLN C 65 -40.56 29.83 -25.08
N MET C 66 -40.60 28.65 -24.49
CA MET C 66 -41.18 28.49 -23.14
C MET C 66 -40.46 29.39 -22.13
N ALA C 67 -39.13 29.35 -22.13
CA ALA C 67 -38.33 30.15 -21.21
C ALA C 67 -38.58 31.65 -21.37
N LEU C 68 -38.71 32.12 -22.62
CA LEU C 68 -39.00 33.52 -22.88
C LEU C 68 -40.33 33.98 -22.26
N THR C 69 -41.34 33.12 -22.35
CA THR C 69 -42.63 33.30 -21.66
C THR C 69 -42.42 33.43 -20.13
N LEU C 70 -41.57 32.58 -19.55
CA LEU C 70 -41.31 32.61 -18.11
C LEU C 70 -40.60 33.89 -17.69
N LEU C 71 -39.80 34.45 -18.59
CA LEU C 71 -39.03 35.66 -18.28
C LEU C 71 -39.87 36.94 -18.32
N GLY C 72 -41.12 36.80 -18.79
CA GLY C 72 -42.05 37.94 -18.84
C GLY C 72 -42.31 38.38 -20.26
N GLY C 73 -41.24 38.70 -20.99
CA GLY C 73 -41.27 38.98 -22.43
C GLY C 73 -42.28 39.99 -22.94
N PRO C 74 -41.89 41.28 -23.03
CA PRO C 74 -42.75 42.35 -23.53
C PRO C 74 -43.14 42.14 -25.00
N GLN C 84 -33.47 46.59 -18.18
CA GLN C 84 -32.31 45.88 -18.71
C GLN C 84 -32.64 44.42 -19.05
N ARG C 85 -31.72 43.75 -19.73
CA ARG C 85 -31.95 42.39 -20.24
C ARG C 85 -31.99 41.38 -19.11
N PRO C 86 -32.89 40.38 -19.21
CA PRO C 86 -32.94 39.26 -18.27
C PRO C 86 -31.69 38.39 -18.34
N THR C 87 -31.39 37.73 -17.22
CA THR C 87 -30.20 36.89 -17.11
C THR C 87 -30.64 35.45 -16.86
N VAL C 88 -30.08 34.52 -17.62
CA VAL C 88 -30.35 33.10 -17.48
C VAL C 88 -29.02 32.38 -17.24
N ALA C 89 -28.97 31.56 -16.19
CA ALA C 89 -27.84 30.67 -15.98
C ALA C 89 -28.27 29.25 -16.37
N LEU C 90 -27.49 28.64 -17.25
CA LEU C 90 -27.77 27.31 -17.76
C LEU C 90 -26.75 26.37 -17.12
N LEU C 91 -27.24 25.25 -16.60
CA LEU C 91 -26.34 24.26 -15.98
C LEU C 91 -26.43 22.96 -16.78
N CYS C 92 -25.39 22.70 -17.55
CA CYS C 92 -25.36 21.58 -18.48
C CYS C 92 -24.29 20.54 -18.14
N GLY C 93 -24.69 19.27 -18.18
CA GLY C 93 -23.76 18.17 -18.04
C GLY C 93 -23.19 17.73 -19.40
N PRO C 94 -22.12 16.91 -19.38
CA PRO C 94 -21.36 16.55 -20.57
C PRO C 94 -22.01 15.41 -21.37
N HIS C 95 -23.27 15.62 -21.74
CA HIS C 95 -24.09 14.57 -22.34
C HIS C 95 -25.20 15.20 -23.21
N VAL C 96 -26.04 14.36 -23.80
CA VAL C 96 -27.08 14.80 -24.73
C VAL C 96 -28.11 15.72 -24.06
N LYS C 97 -28.41 15.47 -22.79
CA LYS C 97 -29.29 16.33 -22.01
C LYS C 97 -28.69 17.74 -21.84
N GLY C 98 -27.38 17.81 -21.63
CA GLY C 98 -26.63 19.07 -21.59
C GLY C 98 -26.62 19.79 -22.93
N ALA C 99 -26.54 19.00 -24.02
CA ALA C 99 -26.59 19.55 -25.38
C ALA C 99 -27.93 20.24 -25.68
N GLN C 100 -29.02 19.64 -25.21
CA GLN C 100 -30.35 20.25 -25.26
C GLN C 100 -30.36 21.60 -24.57
N GLY C 101 -29.69 21.69 -23.43
CA GLY C 101 -29.52 22.95 -22.70
C GLY C 101 -28.73 23.97 -23.51
N ILE C 102 -27.61 23.55 -24.07
CA ILE C 102 -26.79 24.48 -24.85
C ILE C 102 -27.58 25.05 -26.03
N SER C 103 -28.33 24.18 -26.71
CA SER C 103 -29.20 24.60 -27.82
C SER C 103 -30.21 25.66 -27.36
N CYS C 104 -30.89 25.38 -26.26
CA CYS C 104 -31.82 26.34 -25.66
C CYS C 104 -31.10 27.66 -25.37
N GLY C 105 -29.91 27.58 -24.76
CA GLY C 105 -29.07 28.74 -24.46
C GLY C 105 -28.66 29.58 -25.66
N ARG C 106 -28.32 28.93 -26.77
CA ARG C 106 -28.00 29.66 -28.01
C ARG C 106 -29.20 30.46 -28.55
N HIS C 107 -30.36 29.83 -28.58
CA HIS C 107 -31.56 30.50 -29.09
C HIS C 107 -31.97 31.67 -28.21
N LEU C 108 -31.77 31.54 -26.89
CA LEU C 108 -32.04 32.62 -25.95
C LEU C 108 -31.09 33.80 -26.14
N ALA C 109 -29.79 33.51 -26.31
CA ALA C 109 -28.78 34.54 -26.57
C ALA C 109 -29.06 35.29 -27.87
N ASN C 110 -29.62 34.58 -28.85
CA ASN C 110 -30.05 35.18 -30.14
C ASN C 110 -31.18 36.19 -29.97
N HIS C 111 -31.94 36.03 -28.89
CA HIS C 111 -33.07 36.88 -28.57
C HIS C 111 -32.76 37.81 -27.40
N ASP C 112 -31.50 38.23 -27.32
CA ASP C 112 -31.05 39.29 -26.41
C ASP C 112 -31.10 38.97 -24.92
N VAL C 113 -31.25 37.71 -24.56
CA VAL C 113 -31.15 37.30 -23.15
C VAL C 113 -29.67 37.24 -22.80
N GLN C 114 -29.30 37.73 -21.62
CA GLN C 114 -27.95 37.55 -21.09
C GLN C 114 -27.82 36.10 -20.61
N VAL C 115 -27.06 35.30 -21.38
CA VAL C 115 -26.94 33.87 -21.10
C VAL C 115 -25.55 33.53 -20.59
N ILE C 116 -25.49 32.90 -19.43
CA ILE C 116 -24.24 32.35 -18.90
C ILE C 116 -24.42 30.83 -18.76
N LEU C 117 -23.62 30.09 -19.52
CA LEU C 117 -23.73 28.64 -19.59
C LEU C 117 -22.59 27.98 -18.85
N PHE C 118 -22.93 27.16 -17.85
CA PHE C 118 -21.95 26.29 -17.19
C PHE C 118 -21.91 24.91 -17.84
N LEU C 119 -20.69 24.47 -18.12
CA LEU C 119 -20.43 23.12 -18.59
C LEU C 119 -19.09 22.66 -18.00
N PRO C 120 -19.09 21.52 -17.29
CA PRO C 120 -17.87 21.07 -16.62
C PRO C 120 -16.78 20.71 -17.61
N ASN C 121 -15.52 20.84 -17.18
CA ASN C 121 -14.43 20.53 -18.07
C ASN C 121 -14.00 19.07 -18.04
N PHE C 122 -14.17 18.42 -19.19
CA PHE C 122 -14.02 16.98 -19.36
C PHE C 122 -12.93 16.67 -20.36
N VAL C 123 -12.23 15.55 -20.15
CA VAL C 123 -11.15 15.15 -21.07
C VAL C 123 -11.66 14.82 -22.48
N LYS C 124 -12.83 14.18 -22.56
CA LYS C 124 -13.46 13.82 -23.84
C LYS C 124 -14.77 14.61 -24.04
N MET C 125 -14.94 15.17 -25.23
CA MET C 125 -16.15 15.92 -25.61
C MET C 125 -17.05 15.08 -26.52
N LEU C 126 -18.33 15.01 -26.18
CA LEU C 126 -19.32 14.34 -27.02
C LEU C 126 -19.60 15.21 -28.25
N GLU C 127 -19.76 14.54 -29.39
CA GLU C 127 -20.02 15.22 -30.67
C GLU C 127 -21.15 16.26 -30.60
N SER C 128 -22.27 15.89 -29.99
CA SER C 128 -23.41 16.80 -29.85
C SER C 128 -23.10 18.03 -28.99
N ILE C 129 -22.30 17.84 -27.93
CA ILE C 129 -21.80 18.95 -27.12
C ILE C 129 -20.90 19.89 -27.95
N THR C 130 -19.93 19.29 -28.63
CA THR C 130 -19.02 19.99 -29.55
C THR C 130 -19.76 20.87 -30.57
N ASN C 131 -20.78 20.30 -31.21
CA ASN C 131 -21.54 21.00 -32.24
C ASN C 131 -22.37 22.15 -31.68
N GLU C 132 -23.05 21.91 -30.57
CA GLU C 132 -23.85 22.96 -29.91
C GLU C 132 -22.94 24.05 -29.37
N LEU C 133 -21.80 23.68 -28.79
CA LEU C 133 -20.83 24.67 -28.32
C LEU C 133 -20.28 25.56 -29.41
N SER C 134 -20.00 24.96 -30.56
CA SER C 134 -19.48 25.68 -31.72
C SER C 134 -20.42 26.82 -32.14
N LEU C 135 -21.72 26.54 -32.14
CA LEU C 135 -22.73 27.54 -32.47
C LEU C 135 -22.99 28.53 -31.34
N PHE C 136 -22.96 28.03 -30.10
CA PHE C 136 -23.11 28.91 -28.92
C PHE C 136 -21.94 29.90 -28.84
N SER C 137 -20.75 29.45 -29.28
CA SER C 137 -19.53 30.26 -29.32
C SER C 137 -19.64 31.50 -30.20
N LYS C 138 -20.56 31.45 -31.15
CA LYS C 138 -20.75 32.56 -32.07
C LYS C 138 -21.86 33.52 -31.62
N THR C 139 -22.47 33.23 -30.47
CA THR C 139 -23.45 34.12 -29.88
C THR C 139 -22.76 35.06 -28.93
N GLN C 140 -23.53 35.99 -28.34
CA GLN C 140 -23.03 36.87 -27.30
C GLN C 140 -23.05 36.21 -25.91
N GLY C 141 -23.47 34.95 -25.85
CA GLY C 141 -23.53 34.20 -24.59
C GLY C 141 -22.17 33.85 -23.99
N GLN C 142 -22.14 33.67 -22.67
CA GLN C 142 -20.91 33.36 -21.95
C GLN C 142 -20.87 31.90 -21.53
N GLN C 143 -19.80 31.20 -21.92
CA GLN C 143 -19.56 29.83 -21.49
C GLN C 143 -18.53 29.84 -20.36
N VAL C 144 -18.85 29.13 -19.29
CA VAL C 144 -17.93 28.99 -18.16
C VAL C 144 -17.78 27.51 -17.79
N SER C 145 -16.62 27.16 -17.24
CA SER C 145 -16.37 25.81 -16.74
C SER C 145 -16.28 25.80 -15.23
N SER C 146 -16.47 26.97 -14.64
CA SER C 146 -16.47 27.11 -13.19
C SER C 146 -17.75 27.79 -12.73
N LEU C 147 -18.32 27.27 -11.65
CA LEU C 147 -19.49 27.85 -11.01
C LEU C 147 -19.20 29.19 -10.32
N LYS C 148 -17.94 29.40 -9.97
CA LYS C 148 -17.48 30.68 -9.40
C LYS C 148 -17.59 31.83 -10.40
N ASP C 149 -17.60 31.48 -11.69
CA ASP C 149 -17.76 32.45 -12.76
C ASP C 149 -19.23 32.75 -13.13
N LEU C 150 -20.16 32.02 -12.49
CA LEU C 150 -21.58 32.31 -12.61
C LEU C 150 -21.90 33.51 -11.71
N PRO C 151 -23.04 34.20 -11.97
CA PRO C 151 -23.42 35.36 -11.15
C PRO C 151 -23.53 35.02 -9.67
N THR C 152 -23.16 35.98 -8.82
CA THR C 152 -23.22 35.81 -7.36
C THR C 152 -24.60 36.15 -6.78
N SER C 153 -25.32 37.05 -7.45
CA SER C 153 -26.66 37.47 -7.05
C SER C 153 -27.71 36.70 -7.86
N PRO C 154 -29.00 36.73 -7.42
CA PRO C 154 -30.02 35.93 -8.13
C PRO C 154 -30.18 36.30 -9.59
N VAL C 155 -30.31 35.30 -10.46
CA VAL C 155 -30.60 35.55 -11.87
C VAL C 155 -32.11 35.48 -12.06
N ASP C 156 -32.57 35.65 -13.29
CA ASP C 156 -34.01 35.59 -13.56
C ASP C 156 -34.48 34.16 -13.66
N LEU C 157 -33.62 33.31 -14.20
CA LEU C 157 -33.97 31.92 -14.45
C LEU C 157 -32.73 31.04 -14.47
N VAL C 158 -32.85 29.89 -13.83
CA VAL C 158 -31.84 28.84 -13.92
C VAL C 158 -32.46 27.72 -14.74
N ILE C 159 -31.72 27.28 -15.75
CA ILE C 159 -32.13 26.14 -16.55
C ILE C 159 -31.25 24.95 -16.18
N ASN C 160 -31.88 23.89 -15.68
CA ASN C 160 -31.15 22.71 -15.22
C ASN C 160 -31.15 21.59 -16.25
N CYS C 161 -29.98 21.37 -16.85
CA CYS C 161 -29.73 20.24 -17.74
C CYS C 161 -28.52 19.43 -17.26
N LEU C 162 -28.45 19.22 -15.96
CA LEU C 162 -27.27 18.58 -15.36
C LEU C 162 -27.22 17.07 -15.53
N ASP C 163 -28.36 16.40 -15.38
CA ASP C 163 -28.37 14.94 -15.30
C ASP C 163 -28.77 14.20 -16.58
N CYS C 164 -28.11 13.07 -16.83
CA CYS C 164 -28.46 12.15 -17.92
C CYS C 164 -28.57 10.73 -17.37
N PRO C 165 -29.67 10.02 -17.73
CA PRO C 165 -29.99 8.67 -17.23
C PRO C 165 -28.87 7.63 -17.38
N GLU C 166 -28.06 7.75 -18.43
CA GLU C 166 -27.00 6.78 -18.69
C GLU C 166 -25.68 7.09 -17.95
N ASN C 167 -25.64 8.21 -17.24
CA ASN C 167 -24.44 8.66 -16.54
C ASN C 167 -24.73 8.94 -15.05
N VAL C 168 -25.08 7.89 -14.31
CA VAL C 168 -25.44 8.06 -12.89
C VAL C 168 -24.24 8.36 -11.99
N PHE C 169 -23.06 7.87 -12.37
CA PHE C 169 -21.85 8.08 -11.57
C PHE C 169 -21.29 9.50 -11.70
N LEU C 170 -21.91 10.26 -12.59
CA LEU C 170 -21.67 11.69 -12.76
C LEU C 170 -22.06 12.43 -11.47
N ARG C 171 -23.10 11.95 -10.82
CA ARG C 171 -23.69 12.58 -9.63
C ARG C 171 -22.74 12.66 -8.43
N ASP C 172 -21.77 11.75 -8.37
CA ASP C 172 -20.85 11.63 -7.25
C ASP C 172 -19.64 12.56 -7.37
N GLN C 173 -19.47 13.19 -8.54
CA GLN C 173 -18.30 14.01 -8.82
C GLN C 173 -18.43 15.42 -8.23
N PRO C 174 -17.29 16.01 -7.78
CA PRO C 174 -17.31 17.33 -7.15
C PRO C 174 -18.03 18.46 -7.93
N TRP C 175 -17.83 18.56 -9.24
CA TRP C 175 -18.50 19.61 -10.05
C TRP C 175 -20.02 19.48 -10.03
N TYR C 176 -20.51 18.24 -10.02
CA TYR C 176 -21.94 17.97 -10.02
C TYR C 176 -22.62 18.44 -8.73
N LYS C 177 -22.10 17.97 -7.60
CA LYS C 177 -22.56 18.37 -6.27
C LYS C 177 -22.50 19.88 -6.07
N ALA C 178 -21.41 20.49 -6.53
CA ALA C 178 -21.23 21.94 -6.49
C ALA C 178 -22.23 22.71 -7.36
N ALA C 179 -22.59 22.12 -8.50
CA ALA C 179 -23.58 22.72 -9.41
C ALA C 179 -24.96 22.70 -8.78
N VAL C 180 -25.28 21.56 -8.16
CA VAL C 180 -26.52 21.39 -7.40
C VAL C 180 -26.59 22.44 -6.29
N ALA C 181 -25.51 22.52 -5.51
CA ALA C 181 -25.37 23.50 -4.44
C ALA C 181 -25.55 24.93 -4.94
N TRP C 182 -24.88 25.26 -6.06
CA TRP C 182 -24.98 26.59 -6.66
C TRP C 182 -26.42 26.94 -7.02
N ALA C 183 -27.12 26.00 -7.66
CA ALA C 183 -28.51 26.21 -8.05
C ALA C 183 -29.40 26.47 -6.84
N ASN C 184 -29.27 25.64 -5.81
CA ASN C 184 -30.05 25.78 -4.57
C ASN C 184 -29.63 27.01 -3.73
N GLN C 185 -28.47 27.60 -4.02
CA GLN C 185 -28.05 28.79 -3.31
C GLN C 185 -28.39 30.10 -4.06
N ASN C 186 -28.62 30.00 -5.36
CA ASN C 186 -28.83 31.21 -6.18
C ASN C 186 -30.18 31.92 -5.94
N ARG C 187 -31.21 31.15 -5.63
CA ARG C 187 -32.58 31.64 -5.33
C ARG C 187 -33.52 31.81 -6.55
N ALA C 188 -32.97 31.80 -7.76
CA ALA C 188 -33.78 31.90 -8.99
C ALA C 188 -34.68 30.67 -9.17
N PRO C 189 -35.84 30.84 -9.82
CA PRO C 189 -36.68 29.68 -10.13
C PRO C 189 -35.97 28.78 -11.16
N VAL C 190 -36.19 27.48 -11.06
CA VAL C 190 -35.49 26.49 -11.86
C VAL C 190 -36.41 25.86 -12.88
N LEU C 191 -36.00 25.93 -14.15
CA LEU C 191 -36.61 25.17 -15.23
C LEU C 191 -35.71 23.96 -15.49
N SER C 192 -36.27 22.76 -15.36
CA SER C 192 -35.54 21.58 -15.75
C SER C 192 -35.99 21.09 -17.11
N ILE C 193 -35.05 21.00 -18.04
CA ILE C 193 -35.33 20.40 -19.35
C ILE C 193 -34.98 18.93 -19.28
N ASP C 194 -35.99 18.09 -19.48
CA ASP C 194 -35.83 16.64 -19.59
C ASP C 194 -35.18 16.04 -18.34
N PRO C 195 -35.80 16.25 -17.16
CA PRO C 195 -35.15 15.80 -15.92
C PRO C 195 -35.30 14.29 -15.69
N PRO C 196 -34.44 13.72 -14.81
CA PRO C 196 -34.62 12.34 -14.32
C PRO C 196 -35.94 12.14 -13.57
N VAL C 197 -36.46 10.92 -13.62
CA VAL C 197 -37.62 10.52 -12.81
C VAL C 197 -37.24 10.56 -11.32
N HIS C 198 -36.05 10.06 -11.00
CA HIS C 198 -35.54 10.11 -9.62
C HIS C 198 -34.38 11.06 -9.48
N ILE C 204 -31.91 19.14 -7.15
CA ILE C 204 -32.54 20.42 -7.53
C ILE C 204 -34.04 20.28 -7.76
N ASP C 205 -34.83 20.98 -6.95
CA ASP C 205 -36.28 21.09 -7.16
C ASP C 205 -36.56 22.05 -8.31
N ALA C 206 -37.34 21.59 -9.28
CA ALA C 206 -37.73 22.44 -10.40
C ALA C 206 -39.06 23.11 -10.09
N LYS C 207 -39.18 24.39 -10.44
CA LYS C 207 -40.48 25.04 -10.46
C LYS C 207 -41.29 24.51 -11.65
N TRP C 208 -40.64 24.42 -12.81
CA TRP C 208 -41.23 23.82 -14.02
C TRP C 208 -40.25 22.83 -14.61
N SER C 209 -40.78 21.76 -15.23
CA SER C 209 -39.99 20.80 -15.99
C SER C 209 -40.53 20.61 -17.41
N LEU C 210 -39.64 20.32 -18.34
CA LEU C 210 -40.05 20.13 -19.73
C LEU C 210 -39.81 18.69 -20.20
N ALA C 211 -40.91 17.98 -20.43
CA ALA C 211 -40.87 16.65 -21.03
C ALA C 211 -40.82 16.79 -22.55
N LEU C 212 -40.26 15.78 -23.23
CA LEU C 212 -40.06 15.82 -24.68
C LEU C 212 -40.77 14.67 -25.39
N GLY C 213 -41.77 15.01 -26.20
CA GLY C 213 -42.51 14.02 -27.00
C GLY C 213 -43.64 13.39 -26.20
N LEU C 214 -43.26 12.56 -25.24
CA LEU C 214 -44.17 12.03 -24.20
C LEU C 214 -43.44 12.05 -22.85
N PRO C 215 -44.18 12.29 -21.76
CA PRO C 215 -43.52 12.44 -20.47
C PRO C 215 -43.11 11.12 -19.85
N LEU C 216 -42.01 11.14 -19.12
CA LEU C 216 -41.70 10.08 -18.17
C LEU C 216 -42.60 10.32 -16.94
N PRO C 217 -42.77 9.32 -16.06
CA PRO C 217 -43.58 9.52 -14.86
C PRO C 217 -42.91 10.44 -13.83
N LEU C 218 -42.75 11.72 -14.19
CA LEU C 218 -42.10 12.70 -13.34
C LEU C 218 -42.91 12.97 -12.07
N GLY C 219 -42.20 13.18 -10.96
CA GLY C 219 -42.80 13.35 -9.64
C GLY C 219 -42.87 14.80 -9.19
N GLU C 220 -43.09 15.02 -7.91
CA GLU C 220 -43.37 16.39 -7.41
C GLU C 220 -42.16 17.33 -7.35
N HIS C 221 -40.95 16.77 -7.32
CA HIS C 221 -39.74 17.58 -7.40
C HIS C 221 -39.46 18.07 -8.84
N ALA C 222 -40.31 17.67 -9.79
CA ALA C 222 -40.29 18.19 -11.15
C ALA C 222 -41.15 19.45 -11.31
N GLY C 223 -41.94 19.75 -10.28
CA GLY C 223 -42.79 20.94 -10.28
C GLY C 223 -43.87 20.88 -11.35
N ARG C 224 -44.13 22.02 -12.00
CA ARG C 224 -45.13 22.04 -13.07
C ARG C 224 -44.56 21.45 -14.35
N ILE C 225 -45.25 20.44 -14.85
CA ILE C 225 -44.81 19.66 -16.00
C ILE C 225 -45.46 20.19 -17.28
N TYR C 226 -44.61 20.38 -18.29
CA TYR C 226 -45.02 20.84 -19.60
C TYR C 226 -44.51 19.79 -20.58
N LEU C 227 -45.16 19.70 -21.73
CA LEU C 227 -44.74 18.76 -22.75
C LEU C 227 -44.33 19.52 -24.00
N CYS C 228 -43.17 19.17 -24.54
CA CYS C 228 -42.65 19.76 -25.76
C CYS C 228 -42.88 18.80 -26.93
N ASP C 229 -43.35 19.35 -28.05
CA ASP C 229 -43.35 18.66 -29.31
C ASP C 229 -41.93 18.67 -29.86
N ILE C 230 -41.38 17.49 -30.16
CA ILE C 230 -40.04 17.40 -30.75
C ILE C 230 -40.05 16.83 -32.20
N GLY C 231 -41.22 16.91 -32.84
CA GLY C 231 -41.33 16.64 -34.28
C GLY C 231 -41.60 15.21 -34.67
N ILE C 232 -42.02 14.38 -33.72
CA ILE C 232 -42.25 12.95 -33.96
C ILE C 232 -43.59 12.70 -34.71
N PRO C 233 -43.52 12.08 -35.91
CA PRO C 233 -44.72 11.75 -36.69
C PRO C 233 -45.56 10.64 -36.07
N GLN C 234 -46.86 10.67 -36.35
CA GLN C 234 -47.82 9.72 -35.77
C GLN C 234 -47.43 8.25 -35.96
N GLN C 235 -46.95 7.90 -37.15
CA GLN C 235 -46.64 6.50 -37.48
C GLN C 235 -45.39 5.95 -36.78
N VAL C 236 -44.49 6.82 -36.32
CA VAL C 236 -43.36 6.43 -35.49
C VAL C 236 -43.83 5.89 -34.11
N PHE C 237 -44.86 6.54 -33.56
CA PHE C 237 -45.54 6.07 -32.35
C PHE C 237 -46.20 4.70 -32.61
N GLN C 238 -46.82 4.56 -33.79
CA GLN C 238 -47.49 3.32 -34.19
C GLN C 238 -46.51 2.14 -34.26
N GLU C 239 -45.27 2.43 -34.64
CA GLU C 239 -44.22 1.43 -34.78
C GLU C 239 -43.72 0.88 -33.44
N VAL C 240 -43.79 1.69 -32.39
CA VAL C 240 -43.40 1.24 -31.03
C VAL C 240 -44.60 0.83 -30.17
N GLY C 241 -45.76 0.69 -30.80
CA GLY C 241 -46.95 0.17 -30.12
C GLY C 241 -47.86 1.19 -29.47
N ILE C 242 -47.58 2.48 -29.70
CA ILE C 242 -48.39 3.56 -29.15
C ILE C 242 -49.47 4.02 -30.14
N ASN C 243 -50.73 3.94 -29.70
CA ASN C 243 -51.83 4.56 -30.44
C ASN C 243 -51.88 6.04 -30.06
N TYR C 244 -51.35 6.89 -30.95
CA TYR C 244 -51.08 8.29 -30.63
C TYR C 244 -51.95 9.28 -31.40
N HIS C 245 -52.52 10.23 -30.68
CA HIS C 245 -53.17 11.40 -31.25
C HIS C 245 -52.67 12.64 -30.54
N SER C 246 -52.26 13.63 -31.33
CA SER C 246 -51.65 14.86 -30.81
C SER C 246 -52.47 15.47 -29.68
N PRO C 247 -51.83 15.67 -28.51
CA PRO C 247 -52.49 16.41 -27.45
C PRO C 247 -52.13 17.90 -27.46
N PHE C 248 -51.39 18.33 -28.48
CA PHE C 248 -50.78 19.67 -28.50
C PHE C 248 -51.71 20.82 -28.94
N GLY C 249 -52.72 20.51 -29.74
CA GLY C 249 -53.50 21.57 -30.39
C GLY C 249 -52.58 22.37 -31.29
N CYS C 250 -52.69 23.69 -31.26
CA CYS C 250 -51.85 24.56 -32.05
C CYS C 250 -50.55 24.98 -31.34
N LYS C 251 -50.30 24.41 -30.16
CA LYS C 251 -49.15 24.78 -29.35
C LYS C 251 -48.04 23.73 -29.42
N PHE C 252 -46.79 24.18 -29.34
CA PHE C 252 -45.63 23.30 -29.38
C PHE C 252 -45.15 22.91 -27.98
N VAL C 253 -45.57 23.69 -26.98
CA VAL C 253 -45.32 23.37 -25.57
C VAL C 253 -46.63 23.55 -24.79
N ILE C 254 -47.02 22.53 -24.03
CA ILE C 254 -48.30 22.59 -23.29
C ILE C 254 -48.12 22.25 -21.82
N PRO C 255 -48.91 22.91 -20.95
CA PRO C 255 -48.92 22.48 -19.55
C PRO C 255 -49.60 21.12 -19.42
N LEU C 256 -49.08 20.32 -18.49
CA LEU C 256 -49.71 19.07 -18.09
C LEU C 256 -50.11 19.17 -16.62
N HIS C 257 -51.21 18.51 -16.28
CA HIS C 257 -51.74 18.49 -14.94
C HIS C 257 -51.96 17.05 -14.49
N SER C 258 -52.13 16.85 -13.18
CA SER C 258 -52.44 15.52 -12.65
C SER C 258 -53.91 15.14 -12.84
N TYR D 9 13.02 -63.99 10.35
CA TYR D 9 11.61 -64.08 9.87
C TYR D 9 10.70 -62.96 10.42
N ARG D 10 9.39 -63.13 10.27
CA ARG D 10 8.42 -62.06 10.51
C ARG D 10 7.71 -62.20 11.85
N ARG D 11 8.21 -61.48 12.85
CA ARG D 11 7.68 -61.52 14.20
C ARG D 11 7.00 -60.20 14.61
N ILE D 12 7.17 -59.16 13.80
CA ILE D 12 6.47 -57.89 14.02
C ILE D 12 5.46 -57.66 12.90
N ILE D 13 4.20 -57.67 13.28
CA ILE D 13 3.10 -57.52 12.32
C ILE D 13 2.32 -56.24 12.61
N VAL D 14 2.24 -55.38 11.60
CA VAL D 14 1.56 -54.10 11.72
C VAL D 14 0.17 -54.17 11.06
N PRO D 15 -0.79 -53.34 11.54
CA PRO D 15 -2.13 -53.36 10.96
C PRO D 15 -2.20 -52.72 9.56
N SER D 19 4.39 -50.44 1.73
CA SER D 19 5.21 -49.83 2.79
C SER D 19 6.53 -50.59 3.00
N LYS D 20 7.61 -49.83 3.20
CA LYS D 20 8.95 -50.39 3.33
C LYS D 20 9.12 -51.32 4.52
N GLU D 21 9.90 -52.38 4.31
CA GLU D 21 10.33 -53.26 5.38
C GLU D 21 11.85 -53.29 5.44
N PHE D 22 12.37 -53.45 6.65
CA PHE D 22 13.79 -53.59 6.87
C PHE D 22 14.04 -54.94 7.52
N CYS D 23 15.30 -55.34 7.60
CA CYS D 23 15.67 -56.52 8.36
C CYS D 23 16.91 -56.27 9.20
N THR D 24 17.07 -57.07 10.25
CA THR D 24 18.20 -56.98 11.17
C THR D 24 19.37 -57.83 10.67
N ASP D 25 20.52 -57.71 11.35
CA ASP D 25 21.70 -58.55 11.11
C ASP D 25 21.36 -60.04 11.08
N SER D 26 20.41 -60.44 11.92
CA SER D 26 19.98 -61.84 12.01
C SER D 26 18.84 -62.17 11.04
N GLY D 27 18.41 -61.19 10.25
CA GLY D 27 17.36 -61.42 9.27
C GLY D 27 15.94 -61.28 9.77
N LEU D 28 15.76 -60.84 11.01
CA LEU D 28 14.42 -60.51 11.54
C LEU D 28 13.83 -59.33 10.77
N VAL D 29 12.57 -59.46 10.39
CA VAL D 29 11.92 -58.42 9.60
C VAL D 29 11.35 -57.36 10.52
N VAL D 30 11.78 -56.12 10.32
CA VAL D 30 11.18 -54.98 11.00
C VAL D 30 10.52 -54.03 9.99
N PRO D 31 9.18 -54.02 9.98
CA PRO D 31 8.46 -53.18 9.03
C PRO D 31 8.49 -51.71 9.46
N SER D 32 8.34 -50.84 8.48
CA SER D 32 8.13 -49.43 8.77
C SER D 32 6.68 -49.26 9.16
N ILE D 33 6.41 -48.20 9.91
CA ILE D 33 5.03 -47.78 10.21
C ILE D 33 4.87 -46.33 9.74
N SER D 34 3.61 -45.92 9.57
CA SER D 34 3.28 -44.57 9.16
C SER D 34 3.61 -43.57 10.26
N TYR D 35 3.74 -42.31 9.87
CA TYR D 35 3.89 -41.23 10.84
C TYR D 35 2.74 -41.23 11.86
N GLU D 36 1.52 -41.43 11.37
CA GLU D 36 0.32 -41.45 12.21
C GLU D 36 0.35 -42.54 13.28
N LEU D 37 0.61 -43.78 12.85
CA LEU D 37 0.70 -44.90 13.79
C LEU D 37 1.80 -44.68 14.83
N HIS D 38 2.94 -44.17 14.40
CA HIS D 38 4.07 -43.89 15.30
C HIS D 38 3.69 -42.88 16.37
N LYS D 39 2.97 -41.84 15.96
CA LYS D 39 2.44 -40.83 16.87
C LYS D 39 1.46 -41.47 17.88
N LYS D 40 0.59 -42.34 17.40
CA LYS D 40 -0.39 -43.04 18.25
C LYS D 40 0.28 -44.00 19.24
N LEU D 41 1.31 -44.72 18.77
CA LEU D 41 2.09 -45.61 19.61
C LEU D 41 2.68 -44.87 20.83
N LEU D 42 3.36 -43.78 20.55
CA LEU D 42 4.01 -42.97 21.58
C LEU D 42 3.01 -42.29 22.52
N SER D 43 1.85 -41.94 21.97
CA SER D 43 0.74 -41.37 22.72
C SER D 43 0.20 -42.36 23.77
N VAL D 44 -0.01 -43.60 23.35
CA VAL D 44 -0.43 -44.69 24.24
C VAL D 44 0.67 -44.99 25.27
N ALA D 45 1.93 -44.99 24.82
CA ALA D 45 3.09 -45.16 25.72
C ALA D 45 3.12 -44.14 26.85
N GLU D 46 2.83 -42.89 26.49
CA GLU D 46 2.79 -41.78 27.44
C GLU D 46 1.67 -41.97 28.49
N LYS D 47 0.52 -42.47 28.04
CA LYS D 47 -0.61 -42.81 28.91
C LYS D 47 -0.28 -43.85 29.97
N HIS D 48 0.60 -44.79 29.64
CA HIS D 48 0.97 -45.85 30.58
C HIS D 48 2.21 -45.51 31.42
N GLY D 49 2.69 -44.28 31.28
CA GLY D 49 3.72 -43.75 32.17
C GLY D 49 5.05 -43.43 31.52
N LEU D 50 5.21 -43.81 30.26
CA LEU D 50 6.46 -43.54 29.55
C LEU D 50 6.45 -42.09 29.07
N THR D 51 6.65 -41.20 30.02
CA THR D 51 6.59 -39.77 29.82
C THR D 51 7.65 -39.31 28.82
N LEU D 52 7.43 -38.13 28.24
CA LEU D 52 8.35 -37.55 27.28
C LEU D 52 9.76 -37.38 27.86
N GLU D 53 9.83 -36.95 29.11
CA GLU D 53 11.14 -36.69 29.71
C GLU D 53 11.93 -37.97 29.98
N ARG D 54 11.23 -39.07 30.27
CA ARG D 54 11.86 -40.39 30.33
C ARG D 54 12.40 -40.81 28.97
N ARG D 55 11.60 -40.62 27.92
CA ARG D 55 12.03 -40.97 26.57
C ARG D 55 13.16 -40.10 26.03
N LEU D 56 13.19 -38.83 26.44
CA LEU D 56 14.27 -37.91 26.05
C LEU D 56 15.59 -38.29 26.70
N GLU D 57 15.53 -38.65 27.99
CA GLU D 57 16.72 -39.11 28.71
C GLU D 57 17.27 -40.37 28.04
N MET D 58 16.40 -41.37 27.83
CA MET D 58 16.77 -42.64 27.23
C MET D 58 17.27 -42.48 25.80
N THR D 59 16.60 -41.63 25.03
CA THR D 59 16.99 -41.39 23.65
C THR D 59 18.38 -40.77 23.58
N GLY D 60 18.62 -39.77 24.43
CA GLY D 60 19.93 -39.12 24.54
C GLY D 60 21.03 -40.10 24.89
N VAL D 61 20.77 -40.95 25.88
CA VAL D 61 21.69 -42.01 26.31
C VAL D 61 22.06 -42.95 25.17
N CYS D 62 21.06 -43.57 24.55
CA CYS D 62 21.29 -44.57 23.51
C CYS D 62 21.85 -43.97 22.22
N ALA D 63 21.43 -42.74 21.89
CA ALA D 63 21.96 -42.02 20.74
C ALA D 63 23.41 -41.56 20.93
N SER D 64 23.75 -41.14 22.17
CA SER D 64 25.12 -40.77 22.50
C SER D 64 26.04 -41.99 22.43
N GLN D 65 25.54 -43.15 22.86
CA GLN D 65 26.27 -44.42 22.79
C GLN D 65 26.58 -44.78 21.33
N MET D 66 25.59 -44.60 20.45
CA MET D 66 25.79 -44.81 19.01
C MET D 66 26.82 -43.83 18.45
N ALA D 67 26.66 -42.54 18.77
CA ALA D 67 27.62 -41.52 18.33
C ALA D 67 29.05 -41.80 18.79
N LEU D 68 29.19 -42.26 20.04
CA LEU D 68 30.51 -42.61 20.58
C LEU D 68 31.19 -43.74 19.80
N THR D 69 30.39 -44.73 19.37
CA THR D 69 30.89 -45.81 18.52
C THR D 69 31.38 -45.23 17.18
N LEU D 70 30.61 -44.31 16.60
CA LEU D 70 30.97 -43.66 15.34
C LEU D 70 32.24 -42.85 15.45
N LEU D 71 32.47 -42.24 16.62
CA LEU D 71 33.67 -41.44 16.86
C LEU D 71 34.93 -42.30 17.04
N GLY D 72 34.74 -43.61 17.18
CA GLY D 72 35.84 -44.56 17.31
C GLY D 72 35.89 -45.17 18.70
N GLY D 73 35.93 -44.30 19.72
CA GLY D 73 35.88 -44.71 21.12
C GLY D 73 37.00 -45.63 21.59
N PRO D 74 38.15 -45.03 21.94
CA PRO D 74 39.34 -45.78 22.40
C PRO D 74 39.06 -46.56 23.69
N GLN D 84 43.70 -35.51 21.16
CA GLN D 84 42.71 -34.49 21.52
C GLN D 84 41.28 -35.02 21.41
N ARG D 85 40.35 -34.36 22.10
CA ARG D 85 38.96 -34.83 22.12
C ARG D 85 38.29 -34.65 20.77
N PRO D 86 37.42 -35.60 20.39
CA PRO D 86 36.55 -35.45 19.22
C PRO D 86 35.59 -34.27 19.39
N THR D 87 35.22 -33.66 18.28
CA THR D 87 34.33 -32.50 18.25
C THR D 87 33.03 -32.86 17.53
N VAL D 88 31.91 -32.53 18.16
CA VAL D 88 30.61 -32.81 17.60
C VAL D 88 29.81 -31.52 17.51
N ALA D 89 29.34 -31.20 16.31
CA ALA D 89 28.38 -30.12 16.13
C ALA D 89 26.95 -30.70 16.07
N LEU D 90 26.07 -30.14 16.90
CA LEU D 90 24.70 -30.58 16.95
C LEU D 90 23.80 -29.46 16.42
N LEU D 91 22.94 -29.79 15.46
CA LEU D 91 22.04 -28.81 14.87
C LEU D 91 20.60 -29.11 15.26
N CYS D 92 20.06 -28.32 16.18
CA CYS D 92 18.76 -28.60 16.77
C CYS D 92 17.75 -27.49 16.45
N GLY D 93 16.56 -27.91 16.03
CA GLY D 93 15.45 -27.01 15.82
C GLY D 93 14.67 -26.82 17.11
N PRO D 94 13.77 -25.83 17.15
CA PRO D 94 13.06 -25.41 18.35
C PRO D 94 11.84 -26.31 18.66
N HIS D 95 12.08 -27.61 18.76
CA HIS D 95 11.00 -28.59 18.86
C HIS D 95 11.46 -29.87 19.56
N VAL D 96 10.57 -30.86 19.66
CA VAL D 96 10.85 -32.10 20.37
C VAL D 96 12.01 -32.89 19.76
N LYS D 97 12.13 -32.84 18.44
CA LYS D 97 13.25 -33.48 17.75
C LYS D 97 14.58 -32.81 18.12
N GLY D 98 14.58 -31.49 18.24
CA GLY D 98 15.71 -30.72 18.74
C GLY D 98 16.06 -31.03 20.18
N ALA D 99 15.02 -31.22 21.01
CA ALA D 99 15.19 -31.65 22.41
C ALA D 99 15.91 -32.99 22.51
N GLN D 100 15.59 -33.91 21.59
CA GLN D 100 16.27 -35.21 21.47
C GLN D 100 17.75 -35.01 21.16
N GLY D 101 18.04 -34.06 20.27
CA GLY D 101 19.41 -33.62 20.00
C GLY D 101 20.16 -33.07 21.21
N ILE D 102 19.52 -32.17 21.94
CA ILE D 102 20.14 -31.58 23.12
C ILE D 102 20.45 -32.63 24.20
N SER D 103 19.50 -33.54 24.45
CA SER D 103 19.75 -34.67 25.36
C SER D 103 20.99 -35.46 24.91
N CYS D 104 21.04 -35.82 23.63
CA CYS D 104 22.21 -36.52 23.09
C CYS D 104 23.52 -35.73 23.35
N GLY D 105 23.47 -34.42 23.06
CA GLY D 105 24.60 -33.53 23.29
C GLY D 105 25.08 -33.46 24.73
N ARG D 106 24.14 -33.39 25.66
CA ARG D 106 24.49 -33.42 27.09
C ARG D 106 25.27 -34.68 27.45
N HIS D 107 24.73 -35.84 27.11
CA HIS D 107 25.37 -37.12 27.42
C HIS D 107 26.77 -37.24 26.82
N LEU D 108 26.93 -36.73 25.60
CA LEU D 108 28.24 -36.66 24.94
C LEU D 108 29.23 -35.74 25.65
N ALA D 109 28.77 -34.55 26.05
CA ALA D 109 29.62 -33.63 26.84
C ALA D 109 30.01 -34.24 28.20
N ASN D 110 29.12 -35.03 28.78
CA ASN D 110 29.42 -35.75 30.02
C ASN D 110 30.56 -36.77 29.84
N HIS D 111 30.73 -37.20 28.59
CA HIS D 111 31.72 -38.20 28.22
C HIS D 111 32.90 -37.60 27.47
N ASP D 112 33.23 -36.35 27.80
CA ASP D 112 34.44 -35.66 27.35
C ASP D 112 34.53 -35.35 25.84
N VAL D 113 33.42 -35.46 25.13
CA VAL D 113 33.38 -35.01 23.74
C VAL D 113 33.26 -33.49 23.73
N GLN D 114 33.93 -32.81 22.80
CA GLN D 114 33.75 -31.38 22.61
C GLN D 114 32.43 -31.15 21.88
N VAL D 115 31.45 -30.61 22.57
CA VAL D 115 30.11 -30.48 21.99
C VAL D 115 29.76 -29.01 21.77
N ILE D 116 29.44 -28.67 20.53
CA ILE D 116 28.90 -27.35 20.20
C ILE D 116 27.48 -27.56 19.66
N LEU D 117 26.51 -26.97 20.37
CA LEU D 117 25.12 -27.13 20.04
C LEU D 117 24.56 -25.83 19.44
N PHE D 118 24.11 -25.92 18.19
CA PHE D 118 23.31 -24.85 17.59
C PHE D 118 21.82 -25.03 17.84
N LEU D 119 21.20 -23.96 18.34
CA LEU D 119 19.77 -23.86 18.47
C LEU D 119 19.37 -22.42 18.08
N PRO D 120 18.44 -22.26 17.13
CA PRO D 120 18.06 -20.91 16.69
C PRO D 120 17.38 -20.12 17.80
N ASN D 121 17.57 -18.80 17.79
CA ASN D 121 16.92 -17.94 18.77
C ASN D 121 15.46 -17.64 18.44
N PHE D 122 14.57 -18.12 19.30
CA PHE D 122 13.13 -18.04 19.09
C PHE D 122 12.47 -17.26 20.23
N VAL D 123 11.38 -16.56 19.91
CA VAL D 123 10.68 -15.78 20.94
C VAL D 123 10.08 -16.67 22.03
N LYS D 124 9.50 -17.81 21.62
CA LYS D 124 8.86 -18.77 22.55
C LYS D 124 9.67 -20.07 22.66
N MET D 125 9.96 -20.49 23.89
CA MET D 125 10.71 -21.72 24.21
C MET D 125 9.76 -22.85 24.60
N LEU D 126 9.93 -24.01 23.98
CA LEU D 126 9.15 -25.19 24.33
C LEU D 126 9.69 -25.78 25.64
N GLU D 127 8.79 -26.26 26.49
CA GLU D 127 9.14 -26.84 27.80
C GLU D 127 10.28 -27.85 27.70
N SER D 128 10.16 -28.79 26.76
CA SER D 128 11.17 -29.84 26.57
C SER D 128 12.55 -29.27 26.23
N ILE D 129 12.57 -28.24 25.37
CA ILE D 129 13.80 -27.50 25.05
C ILE D 129 14.40 -26.80 26.27
N THR D 130 13.55 -26.08 27.01
CA THR D 130 13.91 -25.42 28.26
C THR D 130 14.58 -26.38 29.26
N ASN D 131 13.99 -27.57 29.40
CA ASN D 131 14.49 -28.56 30.34
C ASN D 131 15.82 -29.14 29.91
N GLU D 132 15.93 -29.52 28.63
CA GLU D 132 17.16 -30.08 28.10
C GLU D 132 18.31 -29.07 28.14
N LEU D 133 18.01 -27.82 27.77
CA LEU D 133 19.02 -26.75 27.81
C LEU D 133 19.54 -26.45 29.19
N SER D 134 18.63 -26.45 30.17
CA SER D 134 18.99 -26.22 31.55
C SER D 134 20.00 -27.26 32.05
N LEU D 135 19.80 -28.50 31.65
CA LEU D 135 20.76 -29.57 31.96
C LEU D 135 22.05 -29.46 31.13
N PHE D 136 21.91 -29.12 29.85
CA PHE D 136 23.07 -28.93 28.94
C PHE D 136 23.96 -27.79 29.42
N SER D 137 23.33 -26.75 29.96
CA SER D 137 24.02 -25.57 30.51
C SER D 137 24.97 -25.88 31.65
N LYS D 138 24.75 -27.01 32.31
CA LYS D 138 25.61 -27.38 33.43
C LYS D 138 26.76 -28.30 33.00
N THR D 139 26.84 -28.57 31.71
CA THR D 139 27.93 -29.36 31.17
C THR D 139 29.00 -28.41 30.63
N GLN D 140 30.09 -28.99 30.13
CA GLN D 140 31.14 -28.20 29.50
C GLN D 140 30.88 -27.93 27.99
N GLY D 141 29.72 -28.36 27.50
CA GLY D 141 29.30 -28.12 26.12
C GLY D 141 28.92 -26.67 25.86
N GLN D 142 29.10 -26.25 24.59
CA GLN D 142 28.89 -24.88 24.18
C GLN D 142 27.58 -24.74 23.40
N GLN D 143 26.71 -23.83 23.83
CA GLN D 143 25.48 -23.51 23.10
C GLN D 143 25.65 -22.24 22.28
N VAL D 144 25.27 -22.30 21.01
CA VAL D 144 25.33 -21.15 20.13
C VAL D 144 23.98 -20.93 19.44
N SER D 145 23.64 -19.66 19.19
CA SER D 145 22.46 -19.34 18.39
C SER D 145 22.84 -18.83 16.99
N SER D 146 24.14 -18.81 16.71
CA SER D 146 24.62 -18.47 15.37
C SER D 146 25.51 -19.56 14.80
N LEU D 147 25.27 -19.86 13.53
CA LEU D 147 26.06 -20.81 12.79
C LEU D 147 27.49 -20.31 12.55
N LYS D 148 27.67 -18.99 12.56
CA LYS D 148 29.00 -18.37 12.45
C LYS D 148 29.88 -18.71 13.66
N ASP D 149 29.24 -19.08 14.77
CA ASP D 149 29.93 -19.50 15.99
C ASP D 149 30.22 -21.01 16.05
N LEU D 150 29.77 -21.75 15.04
CA LEU D 150 30.16 -23.15 14.88
C LEU D 150 31.56 -23.18 14.27
N PRO D 151 32.29 -24.31 14.41
CA PRO D 151 33.66 -24.41 13.85
C PRO D 151 33.73 -24.16 12.34
N THR D 152 34.84 -23.58 11.89
CA THR D 152 35.06 -23.28 10.46
C THR D 152 35.82 -24.39 9.70
N SER D 153 36.43 -25.32 10.45
CA SER D 153 37.07 -26.49 9.88
C SER D 153 36.18 -27.72 10.12
N PRO D 154 36.42 -28.83 9.38
CA PRO D 154 35.55 -30.00 9.59
C PRO D 154 35.57 -30.51 11.02
N VAL D 155 34.42 -30.93 11.53
CA VAL D 155 34.37 -31.56 12.84
C VAL D 155 34.39 -33.08 12.63
N ASP D 156 34.33 -33.82 13.73
CA ASP D 156 34.33 -35.28 13.64
C ASP D 156 32.95 -35.81 13.30
N LEU D 157 31.92 -35.15 13.83
CA LEU D 157 30.54 -35.59 13.61
C LEU D 157 29.57 -34.44 13.67
N VAL D 158 28.65 -34.42 12.71
CA VAL D 158 27.52 -33.49 12.75
C VAL D 158 26.28 -34.31 13.09
N ILE D 159 25.55 -33.86 14.11
CA ILE D 159 24.28 -34.47 14.46
C ILE D 159 23.12 -33.54 14.07
N ASN D 160 22.29 -34.04 13.18
CA ASN D 160 21.19 -33.26 12.64
C ASN D 160 19.85 -33.59 13.30
N CYS D 161 19.35 -32.61 14.05
CA CYS D 161 18.03 -32.65 14.68
C CYS D 161 17.24 -31.38 14.33
N LEU D 162 17.37 -30.95 13.08
CA LEU D 162 16.80 -29.67 12.66
C LEU D 162 15.30 -29.71 12.41
N ASP D 163 14.81 -30.77 11.78
CA ASP D 163 13.42 -30.82 11.32
C ASP D 163 12.48 -31.48 12.32
N CYS D 164 11.22 -31.04 12.31
CA CYS D 164 10.12 -31.71 13.01
C CYS D 164 8.89 -31.70 12.10
N PRO D 165 8.27 -32.88 11.91
CA PRO D 165 7.13 -33.11 11.00
C PRO D 165 5.94 -32.15 11.20
N GLU D 166 5.73 -31.69 12.43
CA GLU D 166 4.62 -30.78 12.72
C GLU D 166 4.96 -29.30 12.45
N ASN D 167 6.19 -29.06 12.00
CA ASN D 167 6.74 -27.71 11.84
C ASN D 167 7.30 -27.49 10.45
N VAL D 168 6.48 -27.74 9.43
CA VAL D 168 6.91 -27.67 8.02
C VAL D 168 7.36 -26.27 7.57
N PHE D 169 6.69 -25.23 8.08
CA PHE D 169 6.99 -23.85 7.67
C PHE D 169 8.32 -23.34 8.21
N LEU D 170 8.89 -24.08 9.16
CA LEU D 170 10.22 -23.82 9.70
C LEU D 170 11.27 -23.84 8.59
N ARG D 171 11.07 -24.72 7.62
CA ARG D 171 12.03 -24.96 6.53
C ARG D 171 12.31 -23.74 5.66
N ASP D 172 11.33 -22.84 5.56
CA ASP D 172 11.42 -21.65 4.73
C ASP D 172 12.20 -20.50 5.41
N GLN D 173 12.50 -20.66 6.69
CA GLN D 173 13.14 -19.60 7.48
C GLN D 173 14.65 -19.48 7.26
N PRO D 174 15.19 -18.25 7.27
CA PRO D 174 16.61 -18.04 6.97
C PRO D 174 17.57 -18.92 7.80
N TRP D 175 17.34 -19.03 9.11
CA TRP D 175 18.21 -19.83 9.98
C TRP D 175 18.26 -21.31 9.57
N TYR D 176 17.11 -21.84 9.14
CA TYR D 176 17.01 -23.23 8.70
C TYR D 176 17.85 -23.50 7.45
N LYS D 177 17.62 -22.71 6.40
CA LYS D 177 18.35 -22.81 5.15
C LYS D 177 19.85 -22.66 5.38
N ALA D 178 20.22 -21.74 6.26
CA ALA D 178 21.61 -21.47 6.61
C ALA D 178 22.26 -22.67 7.33
N ALA D 179 21.49 -23.31 8.21
CA ALA D 179 21.94 -24.48 8.97
C ALA D 179 22.20 -25.66 8.05
N VAL D 180 21.31 -25.87 7.09
CA VAL D 180 21.44 -26.88 6.04
C VAL D 180 22.72 -26.62 5.24
N ALA D 181 22.88 -25.38 4.81
CA ALA D 181 24.07 -24.96 4.07
C ALA D 181 25.34 -25.20 4.88
N TRP D 182 25.33 -24.83 6.16
CA TRP D 182 26.45 -25.09 7.06
C TRP D 182 26.80 -26.58 7.15
N ALA D 183 25.79 -27.41 7.37
CA ALA D 183 26.01 -28.86 7.45
C ALA D 183 26.67 -29.40 6.17
N ASN D 184 26.11 -29.03 5.01
CA ASN D 184 26.65 -29.44 3.71
C ASN D 184 28.03 -28.85 3.36
N GLN D 185 28.43 -27.76 4.03
CA GLN D 185 29.73 -27.16 3.75
C GLN D 185 30.86 -27.59 4.71
N ASN D 186 30.49 -28.05 5.91
CA ASN D 186 31.49 -28.45 6.90
C ASN D 186 32.22 -29.73 6.50
N ARG D 187 31.53 -30.55 5.72
CA ARG D 187 31.76 -31.98 5.51
C ARG D 187 32.39 -32.86 6.56
N ALA D 188 31.74 -32.91 7.72
CA ALA D 188 31.85 -34.03 8.63
C ALA D 188 30.71 -34.97 8.22
N PRO D 189 30.85 -36.27 8.51
CA PRO D 189 29.71 -37.15 8.27
C PRO D 189 28.52 -36.75 9.15
N VAL D 190 27.32 -37.02 8.66
CA VAL D 190 26.10 -36.57 9.32
C VAL D 190 25.31 -37.74 9.90
N LEU D 191 25.06 -37.66 11.20
CA LEU D 191 24.12 -38.56 11.88
C LEU D 191 22.82 -37.82 12.11
N SER D 192 21.74 -38.30 11.49
CA SER D 192 20.43 -37.72 11.69
C SER D 192 19.61 -38.52 12.70
N ILE D 193 19.23 -37.88 13.80
CA ILE D 193 18.35 -38.52 14.78
C ILE D 193 16.91 -38.23 14.43
N ASP D 194 16.16 -39.30 14.15
CA ASP D 194 14.72 -39.24 13.93
C ASP D 194 14.34 -38.30 12.78
N PRO D 195 14.91 -38.52 11.58
CA PRO D 195 14.72 -37.57 10.50
C PRO D 195 13.35 -37.71 9.83
N PRO D 196 12.93 -36.68 9.07
CA PRO D 196 11.68 -36.77 8.29
C PRO D 196 11.81 -37.76 7.13
N VAL D 197 10.70 -38.37 6.75
CA VAL D 197 10.66 -39.29 5.62
C VAL D 197 10.93 -38.53 4.32
N HIS D 198 10.38 -37.33 4.21
CA HIS D 198 10.59 -36.48 3.03
C HIS D 198 11.38 -35.23 3.37
N ILE D 204 19.68 -32.12 3.95
CA ILE D 204 20.92 -32.74 4.44
C ILE D 204 20.89 -34.25 4.25
N ASP D 205 21.89 -34.77 3.54
CA ASP D 205 22.07 -36.22 3.39
C ASP D 205 22.76 -36.79 4.62
N ALA D 206 22.13 -37.79 5.22
CA ALA D 206 22.70 -38.44 6.39
C ALA D 206 23.54 -39.63 5.96
N LYS D 207 24.70 -39.79 6.58
CA LYS D 207 25.45 -41.05 6.43
C LYS D 207 24.74 -42.17 7.20
N TRP D 208 24.25 -41.85 8.39
CA TRP D 208 23.49 -42.76 9.24
C TRP D 208 22.29 -42.01 9.78
N SER D 209 21.17 -42.71 9.99
CA SER D 209 19.98 -42.16 10.65
C SER D 209 19.48 -43.06 11.77
N LEU D 210 18.89 -42.46 12.80
CA LEU D 210 18.40 -43.20 13.95
C LEU D 210 16.88 -43.08 14.07
N ALA D 211 16.19 -44.18 13.79
CA ALA D 211 14.77 -44.32 14.05
C ALA D 211 14.57 -44.71 15.51
N LEU D 212 13.41 -44.36 16.05
CA LEU D 212 13.09 -44.58 17.46
C LEU D 212 11.89 -45.53 17.61
N GLY D 213 12.11 -46.68 18.25
CA GLY D 213 11.03 -47.60 18.55
C GLY D 213 10.71 -48.53 17.38
N LEU D 214 10.02 -47.98 16.38
CA LEU D 214 9.87 -48.61 15.05
C LEU D 214 10.16 -47.55 13.97
N PRO D 215 10.71 -47.98 12.82
CA PRO D 215 11.11 -46.97 11.84
C PRO D 215 9.96 -46.47 10.96
N LEU D 216 10.05 -45.21 10.56
CA LEU D 216 9.24 -44.70 9.46
C LEU D 216 9.81 -45.23 8.14
N PRO D 217 9.05 -45.16 7.03
CA PRO D 217 9.64 -45.61 5.75
C PRO D 217 10.70 -44.64 5.21
N LEU D 218 11.85 -44.61 5.87
CA LEU D 218 12.94 -43.71 5.51
C LEU D 218 13.61 -44.14 4.20
N GLY D 219 14.04 -43.15 3.42
CA GLY D 219 14.58 -43.41 2.08
C GLY D 219 16.09 -43.32 2.03
N GLU D 220 16.64 -43.30 0.82
CA GLU D 220 18.09 -43.37 0.63
C GLU D 220 18.89 -42.15 1.12
N HIS D 221 18.22 -41.03 1.30
CA HIS D 221 18.85 -39.83 1.87
C HIS D 221 18.98 -39.91 3.39
N ALA D 222 18.47 -41.00 3.97
CA ALA D 222 18.69 -41.31 5.39
C ALA D 222 19.96 -42.13 5.61
N GLY D 223 20.57 -42.60 4.52
CA GLY D 223 21.78 -43.39 4.58
C GLY D 223 21.58 -44.70 5.33
N ARG D 224 22.57 -45.10 6.12
CA ARG D 224 22.45 -46.31 6.92
C ARG D 224 21.49 -46.12 8.10
N ILE D 225 20.42 -46.91 8.08
CA ILE D 225 19.35 -46.81 9.06
C ILE D 225 19.62 -47.72 10.28
N TYR D 226 19.43 -47.14 11.45
CA TYR D 226 19.59 -47.81 12.73
C TYR D 226 18.29 -47.64 13.49
N LEU D 227 17.98 -48.58 14.37
CA LEU D 227 16.79 -48.49 15.20
C LEU D 227 17.19 -48.41 16.66
N CYS D 228 16.54 -47.51 17.39
CA CYS D 228 16.81 -47.29 18.81
C CYS D 228 15.64 -47.75 19.66
N ASP D 229 15.94 -48.54 20.68
CA ASP D 229 14.96 -48.87 21.70
C ASP D 229 14.72 -47.61 22.55
N ILE D 230 13.45 -47.23 22.69
CA ILE D 230 13.11 -46.09 23.54
C ILE D 230 12.20 -46.47 24.72
N GLY D 231 12.18 -47.76 25.06
CA GLY D 231 11.59 -48.22 26.32
C GLY D 231 10.15 -48.68 26.26
N ILE D 232 9.59 -48.81 25.06
CA ILE D 232 8.19 -49.20 24.87
C ILE D 232 7.92 -50.67 25.18
N PRO D 233 7.03 -50.94 26.16
CA PRO D 233 6.68 -52.32 26.56
C PRO D 233 5.82 -53.01 25.51
N GLN D 234 5.87 -54.34 25.50
CA GLN D 234 5.21 -55.15 24.46
C GLN D 234 3.71 -54.87 24.30
N GLN D 235 3.01 -54.69 25.42
CA GLN D 235 1.55 -54.54 25.41
C GLN D 235 1.06 -53.19 24.91
N VAL D 236 1.94 -52.19 24.90
CA VAL D 236 1.64 -50.89 24.32
C VAL D 236 1.55 -50.97 22.79
N PHE D 237 2.45 -51.75 22.18
CA PHE D 237 2.35 -52.08 20.76
C PHE D 237 1.03 -52.81 20.48
N GLN D 238 0.70 -53.80 21.31
CA GLN D 238 -0.50 -54.60 21.15
C GLN D 238 -1.78 -53.76 21.17
N GLU D 239 -1.76 -52.69 21.95
CA GLU D 239 -2.88 -51.78 22.11
C GLU D 239 -3.15 -50.92 20.86
N VAL D 240 -2.13 -50.69 20.05
CA VAL D 240 -2.31 -49.96 18.78
C VAL D 240 -2.34 -50.89 17.56
N GLY D 241 -2.56 -52.18 17.81
CA GLY D 241 -2.75 -53.16 16.75
C GLY D 241 -1.49 -53.77 16.17
N ILE D 242 -0.37 -53.60 16.88
CA ILE D 242 0.92 -54.15 16.45
C ILE D 242 1.23 -55.43 17.22
N ASN D 243 1.40 -56.53 16.49
CA ASN D 243 1.89 -57.76 17.07
C ASN D 243 3.42 -57.69 17.09
N TYR D 244 3.97 -57.33 18.25
CA TYR D 244 5.40 -56.99 18.38
C TYR D 244 6.22 -58.03 19.15
N HIS D 245 7.39 -58.35 18.60
CA HIS D 245 8.44 -59.09 19.29
C HIS D 245 9.73 -58.35 19.04
N SER D 246 10.51 -58.16 20.10
CA SER D 246 11.74 -57.36 20.06
C SER D 246 12.72 -57.84 18.98
N PRO D 247 13.14 -56.92 18.09
CA PRO D 247 14.20 -57.22 17.14
C PRO D 247 15.59 -56.85 17.68
N PHE D 248 15.69 -56.47 18.95
CA PHE D 248 16.93 -55.87 19.46
C PHE D 248 18.03 -56.84 19.92
N GLY D 249 17.63 -58.06 20.29
CA GLY D 249 18.54 -58.94 21.01
C GLY D 249 18.98 -58.21 22.27
N CYS D 250 20.27 -58.29 22.59
CA CYS D 250 20.84 -57.62 23.76
C CYS D 250 21.29 -56.17 23.49
N LYS D 251 21.06 -55.68 22.27
CA LYS D 251 21.48 -54.32 21.89
C LYS D 251 20.34 -53.29 21.99
N PHE D 252 20.68 -52.05 22.28
CA PHE D 252 19.69 -50.98 22.39
C PHE D 252 19.64 -50.12 21.12
N VAL D 253 20.66 -50.27 20.27
CA VAL D 253 20.66 -49.64 18.94
C VAL D 253 21.14 -50.69 17.94
N ILE D 254 20.34 -50.92 16.90
CA ILE D 254 20.68 -51.95 15.91
C ILE D 254 20.69 -51.41 14.48
N PRO D 255 21.61 -51.92 13.64
CA PRO D 255 21.60 -51.64 12.20
C PRO D 255 20.39 -52.30 11.54
N LEU D 256 19.75 -51.55 10.64
CA LEU D 256 18.72 -52.10 9.77
C LEU D 256 19.24 -52.09 8.33
N HIS D 257 18.78 -53.06 7.56
CA HIS D 257 19.18 -53.25 6.19
C HIS D 257 17.92 -53.37 5.35
N SER D 258 18.05 -53.17 4.05
CA SER D 258 16.92 -53.35 3.14
C SER D 258 16.71 -54.82 2.84
#